data_9KPD
#
_entry.id   9KPD
#
_cell.length_a   1.00
_cell.length_b   1.00
_cell.length_c   1.00
_cell.angle_alpha   90.00
_cell.angle_beta   90.00
_cell.angle_gamma   90.00
#
_symmetry.space_group_name_H-M   'P 1'
#
loop_
_entity.id
_entity.type
_entity.pdbx_description
1 polymer 'Guanine nucleotide-binding protein G(s) subunit alpha isoforms short,Guanine nucleotide-binding protein G(s) subunit alpha isoforms short,Guanine nucleotide-binding protein G(t) subunit alpha-3'
2 polymer 'Guanine nucleotide-binding protein G(I)/G(S)/G(T) subunit beta-1'
3 polymer 'Guanine nucleotide-binding protein G(I)/G(S)/G(O) subunit gamma-2'
4 polymer 'Nanobody 35'
5 polymer 'Fusion protein 1,exo-alpha-sialidase,Taste receptor type 2 member 16,Fusion protein 2,exo-alpha-sialidase,Taste receptor type 2 member 16'
6 non-polymer '2-(hydroxymethyl)phenyl beta-D-glucopyranoside'
#
loop_
_entity_poly.entity_id
_entity_poly.type
_entity_poly.pdbx_seq_one_letter_code
_entity_poly.pdbx_strand_id
1 'polypeptide(L)'
;MDYKDDDDKENLYFQSNSKTEDQRNEEKAQREANKKIEKQLQKDKQVYRATHRLLLLGADNSGKSTIVKQMRILHGGSGG
SGGTSGIFETKFQVDKVNFHMFDVGGQRDERRKWIQCFNDVTAIIFVVDSSDYNRLQEALNDFKSIWNNRWLRTISVILF
LNKQDLLAEKVLAGKSKIEDYFPEFARYTTPEDATPEPGEDPRVTRAKYFIRDEFLRISTASGDGRHYCYPHFTCAVDTQ
NVKFVFDAVTDIIIKENLKDCGLF
;
A
2 'polypeptide(L)'
;MSELDQLRQEAEQLKNQIRDARKACADATLSQITNNIDPVGRIQMRTRRTLRGHLAKIYAMHWGTDSRLLVSASQDGKLI
IWDSYTTNKVHAIPLRSSWVMTCAYAPSGNYVACGGLDNICSIYNLKTREGNVRVSRELAGHTGYLSCCRFLDDNQIVTS
SGDTTCALWDIETGQQTTTFTGHTGDVMSLSLAPDTRLFVSGACDASAKLWDVREGMCRQTFTGHESDINAICFFPNGNA
FATGSDDATCRLFDLRADQELMTYSHDNIICGITSVSFSKSGRLLLAGYDDFNCNVWDALKADRAGVLAGHDNRVSCLGV
TDDGMAVATGSWDSFLKIWNGSSGGGGSGGGGSSGVSGWRLFKKIS
;
B
3 'polypeptide(L)' MASNNTASIAQARKLVEQLKMEANIDRIKVSKAAADLMAYCEAHAKEDPLLTPVPASENPFREKKFFCAIL G
4 'polypeptide(L)'
;MQVQLQESGGGLVQPGGSLRLSCAASGFTFSNYKMNWVRQAPGKGLEWVSDISQSGASISYTGSVKGRFTISRDNAKNTL
YLQMNSLKPEDTAVYYCARCPAPFTRDCFDVTSTTYAYRGQGTQVTVSSHHHHHH
;
N
5 'polypeptide(L)'
;MKTIIALSYIFCLVFADYKDDDDAHHHHHHHHHHENLYFQSAHHHHHHSSGLEVLFQGPPEGAALTEKTDIFESGRNGNP
NKDGIKSYRIPALLKTDKGTLIAGADERRLHSSDWGDIGMVIRRSEDNGKTWGDRVTITNLRDNPKASDPSIGSPVNIDM
VLVQDPETKRIFSIYDMFPEGKGIFGMSSQKEEAYKKIDGKTYQILYREGEKGAYTIRENGTVYTPDGKATDYRVVVDPV
KPAYSDKGDLYKGDQLLGNIYFTTNKTSPFRIAKDSYLWMSYSDDDGKTWSAPQDITPMVKADWMKFLGVGPGTGIVLRN
GPHKGRILIPVYTTNNVSHLDGSQSSRVIYSDDHGKTWHAGEAVNDNRQVDGQKIHSSTMNNRRAQNTESTVVQLNNGDV
KLFMRGLTGDLQVATSKDGGVTWEKDIKRYPQVKDVYVQMSAIHTMHEGKEYIILSNAGGPKRENGMVHLARVEENGELT
WLKHNPIQKGEFAYNSLQELGNGEYGILYEHTEKGQNAYTLSFRKFNWEFLSKNGSGSGIPIQLTVFFMIIYVLESLTII
VQSSLIVAVLGREWLQVRRLMPVDMILISLGISRFCLQWASMLNNFCSYFNLNYVLCNLTITWEFFNILTFWLNSLLTVF
YCIKVSSFTHHIFLWLRWRILRLFPWILLGCLMITCVTIIPSAIGNYIQIQLLTMEHLPRNSTVTDKLENFHQYQFQAHT
VALVIPFILFLASTIFLMASLTKQIQHHSTGHCNPSMKARFTALRSLAVLFIVFTSYFLTILITIIGTLFDKRCWLWVWE
AFVYAFILMHSTSLMLSSPTLKRILKGKCGSGSGGSGSGGSGSGGSGSGSSGGVFTLEDFVGDWEQTAAYNLDQVLEQGG
VSSLLQNLAVSVTPIQRIVRSGENALKIDIHVIIPYEGLSADQMAQIEEVFKVVYPVDDHHFKVILPYGTLVIDGVTPNM
LNYFGRPYEGIAVFDGKKITVTGTLWNGNKIIDERLITPDGSMLFRVTINS
;
R
#
# COMPACT_ATOMS: atom_id res chain seq x y z
N THR A 20 -19.47 37.63 20.82
CA THR A 20 -19.04 36.29 20.46
C THR A 20 -17.81 35.88 21.26
N GLU A 21 -17.77 36.30 22.52
CA GLU A 21 -16.68 35.89 23.39
C GLU A 21 -16.72 34.39 23.66
N ASP A 22 -17.93 33.84 23.81
CA ASP A 22 -18.06 32.40 24.04
C ASP A 22 -17.53 31.61 22.86
N GLN A 23 -17.81 32.07 21.64
CA GLN A 23 -17.29 31.37 20.46
C GLN A 23 -15.78 31.39 20.43
N ARG A 24 -15.17 32.52 20.77
CA ARG A 24 -13.71 32.59 20.82
C ARG A 24 -13.15 31.66 21.88
N ASN A 25 -13.81 31.59 23.04
CA ASN A 25 -13.36 30.69 24.09
C ASN A 25 -13.45 29.23 23.64
N GLU A 26 -14.54 28.87 22.96
CA GLU A 26 -14.68 27.51 22.46
C GLU A 26 -13.62 27.19 21.42
N GLU A 27 -13.31 28.14 20.53
CA GLU A 27 -12.27 27.93 19.53
C GLU A 27 -10.91 27.75 20.20
N LYS A 28 -10.63 28.54 21.23
CA LYS A 28 -9.36 28.39 21.94
C LYS A 28 -9.26 27.04 22.65
N ALA A 29 -10.37 26.59 23.24
CA ALA A 29 -10.38 25.27 23.87
C ALA A 29 -10.16 24.17 22.84
N GLN A 30 -10.79 24.30 21.67
CA GLN A 30 -10.56 23.34 20.60
C GLN A 30 -9.11 23.31 20.18
N ARG A 31 -8.49 24.49 20.07
CA ARG A 31 -7.08 24.55 19.68
C ARG A 31 -6.18 23.92 20.73
N GLU A 32 -6.49 24.13 22.02
CA GLU A 32 -5.69 23.51 23.08
C GLU A 32 -5.82 22.00 23.05
N ALA A 33 -7.04 21.48 22.87
CA ALA A 33 -7.23 20.05 22.77
C ALA A 33 -6.50 19.49 21.55
N ASN A 34 -6.54 20.22 20.43
CA ASN A 34 -5.84 19.79 19.23
C ASN A 34 -4.33 19.75 19.48
N LYS A 35 -3.79 20.74 20.20
CA LYS A 35 -2.37 20.75 20.49
C LYS A 35 -1.98 19.58 21.37
N LYS A 36 -2.81 19.27 22.37
CA LYS A 36 -2.54 18.10 23.21
C LYS A 36 -2.57 16.82 22.39
N ILE A 37 -3.54 16.72 21.48
CA ILE A 37 -3.65 15.54 20.63
C ILE A 37 -2.42 15.42 19.73
N GLU A 38 -1.96 16.54 19.16
CA GLU A 38 -0.77 16.49 18.32
C GLU A 38 0.48 16.10 19.09
N LYS A 39 0.61 16.59 20.34
CA LYS A 39 1.76 16.20 21.13
C LYS A 39 1.74 14.70 21.43
N GLN A 40 0.57 14.18 21.82
CA GLN A 40 0.46 12.75 22.06
C GLN A 40 0.72 11.96 20.79
N LEU A 41 0.27 12.48 19.64
CA LEU A 41 0.49 11.82 18.37
C LEU A 41 1.96 11.80 18.00
N GLN A 42 2.69 12.87 18.32
CA GLN A 42 4.13 12.90 18.07
C GLN A 42 4.85 11.89 18.94
N LYS A 43 4.45 11.77 20.21
CA LYS A 43 5.03 10.73 21.06
C LYS A 43 4.72 9.34 20.53
N ASP A 44 3.48 9.14 20.06
CA ASP A 44 3.11 7.85 19.49
C ASP A 44 3.93 7.55 18.24
N LYS A 45 4.19 8.55 17.41
CA LYS A 45 5.02 8.35 16.24
C LYS A 45 6.46 8.04 16.64
N GLN A 46 6.94 8.66 17.71
CA GLN A 46 8.24 8.30 18.26
C GLN A 46 8.31 6.82 18.59
N VAL A 47 7.30 6.31 19.31
CA VAL A 47 7.29 4.90 19.65
C VAL A 47 7.10 4.04 18.40
N TYR A 48 6.34 4.54 17.42
CA TYR A 48 5.88 3.71 16.32
C TYR A 48 6.97 3.52 15.27
N ARG A 49 7.55 4.62 14.79
CA ARG A 49 8.54 4.51 13.72
C ARG A 49 9.85 3.88 14.19
N ALA A 50 10.05 3.76 15.49
CA ALA A 50 11.21 3.07 16.04
C ALA A 50 10.93 1.59 16.31
N THR A 51 9.76 1.11 15.92
CA THR A 51 9.35 -0.27 16.13
C THR A 51 9.19 -0.95 14.78
N HIS A 52 9.78 -2.13 14.63
CA HIS A 52 9.67 -2.92 13.42
C HIS A 52 8.60 -3.99 13.62
N ARG A 53 7.57 -3.95 12.78
CA ARG A 53 6.43 -4.85 12.88
C ARG A 53 6.64 -6.01 11.92
N LEU A 54 6.90 -7.20 12.47
CA LEU A 54 7.11 -8.40 11.68
C LEU A 54 5.85 -9.25 11.66
N LEU A 55 5.53 -9.81 10.51
CA LEU A 55 4.33 -10.61 10.34
C LEU A 55 4.71 -12.07 10.20
N LEU A 56 4.33 -12.90 11.16
CA LEU A 56 4.55 -14.34 11.06
C LEU A 56 3.53 -14.94 10.11
N LEU A 57 4.01 -15.63 9.08
CA LEU A 57 3.14 -16.30 8.13
C LEU A 57 3.66 -17.71 7.89
N GLY A 58 2.78 -18.69 8.00
CA GLY A 58 3.16 -20.07 7.81
C GLY A 58 1.97 -20.98 8.00
N ALA A 59 2.23 -22.28 7.84
CA ALA A 59 1.20 -23.28 8.00
C ALA A 59 1.14 -23.74 9.45
N ASP A 60 0.25 -24.70 9.72
CA ASP A 60 0.11 -25.23 11.06
C ASP A 60 1.25 -26.18 11.43
N ASN A 61 1.81 -26.88 10.45
CA ASN A 61 2.92 -27.79 10.75
C ASN A 61 4.16 -27.03 11.17
N SER A 62 4.41 -25.88 10.56
CA SER A 62 5.58 -25.08 10.89
C SER A 62 5.50 -24.58 12.33
N GLY A 63 6.64 -24.53 12.99
CA GLY A 63 6.69 -24.07 14.37
C GLY A 63 6.63 -22.57 14.51
N LYS A 64 5.69 -21.92 13.81
CA LYS A 64 5.54 -20.48 13.92
C LYS A 64 5.10 -20.07 15.32
N SER A 65 4.14 -20.79 15.89
CA SER A 65 3.74 -20.53 17.27
C SER A 65 4.89 -20.82 18.21
N THR A 66 5.65 -21.88 17.95
CA THR A 66 6.84 -22.14 18.75
C THR A 66 7.83 -20.99 18.64
N ILE A 67 7.99 -20.43 17.44
CA ILE A 67 8.93 -19.33 17.25
C ILE A 67 8.49 -18.11 18.06
N VAL A 68 7.21 -17.75 18.00
CA VAL A 68 6.76 -16.57 18.73
C VAL A 68 6.87 -16.81 20.24
N LYS A 69 6.60 -18.04 20.68
CA LYS A 69 6.73 -18.34 22.11
C LYS A 69 8.19 -18.24 22.56
N GLN A 70 9.12 -18.75 21.77
CA GLN A 70 10.53 -18.68 22.14
C GLN A 70 11.02 -17.24 22.17
N MET A 71 10.64 -16.44 21.17
CA MET A 71 11.01 -15.02 21.20
C MET A 71 10.35 -14.27 22.35
N ARG A 72 9.15 -14.68 22.77
CA ARG A 72 8.53 -14.04 23.94
C ARG A 72 9.26 -14.42 25.22
N ILE A 73 9.66 -15.69 25.36
CA ILE A 73 10.30 -16.11 26.60
C ILE A 73 11.73 -15.58 26.69
N LEU A 74 12.42 -15.41 25.56
CA LEU A 74 13.78 -14.92 25.59
C LEU A 74 13.85 -13.50 26.13
N HIS A 75 13.00 -12.62 25.61
CA HIS A 75 12.97 -11.22 26.00
C HIS A 75 11.79 -10.97 26.94
N GLY A 76 11.52 -9.69 27.22
CA GLY A 76 10.43 -9.37 28.13
C GLY A 76 9.08 -9.84 27.61
N GLY A 77 8.79 -9.58 26.35
CA GLY A 77 7.56 -10.03 25.74
C GLY A 77 6.35 -9.24 26.20
N SER A 78 5.19 -9.66 25.71
CA SER A 78 3.93 -9.00 26.05
C SER A 78 2.77 -9.99 26.01
N SER A 85 -8.27 -16.69 19.22
CA SER A 85 -7.78 -15.67 20.13
C SER A 85 -7.28 -14.45 19.37
N GLY A 86 -7.85 -14.22 18.20
CA GLY A 86 -7.48 -13.07 17.39
C GLY A 86 -6.07 -13.14 16.86
N ILE A 87 -5.20 -12.27 17.36
CA ILE A 87 -3.82 -12.17 16.92
C ILE A 87 -2.91 -12.37 18.12
N PHE A 88 -1.92 -13.24 17.97
CA PHE A 88 -0.90 -13.44 18.99
C PHE A 88 0.21 -12.44 18.75
N GLU A 89 0.33 -11.44 19.62
CA GLU A 89 1.25 -10.34 19.45
C GLU A 89 2.27 -10.34 20.58
N THR A 90 3.54 -10.20 20.23
CA THR A 90 4.62 -10.03 21.19
C THR A 90 5.40 -8.78 20.83
N LYS A 91 5.88 -8.09 21.86
CA LYS A 91 6.72 -6.92 21.70
C LYS A 91 8.00 -7.15 22.49
N PHE A 92 9.15 -7.00 21.84
CA PHE A 92 10.41 -7.24 22.53
C PHE A 92 11.47 -6.25 22.06
N GLN A 93 12.59 -6.26 22.77
CA GLN A 93 13.71 -5.37 22.48
C GLN A 93 14.96 -6.20 22.24
N VAL A 94 15.64 -5.93 21.13
CA VAL A 94 16.92 -6.56 20.81
C VAL A 94 17.90 -5.46 20.47
N ASP A 95 18.96 -5.35 21.28
CA ASP A 95 19.96 -4.30 21.13
C ASP A 95 19.31 -2.91 21.13
N LYS A 96 18.35 -2.73 22.04
CA LYS A 96 17.58 -1.50 22.18
C LYS A 96 16.76 -1.16 20.95
N VAL A 97 16.50 -2.15 20.09
CA VAL A 97 15.67 -1.96 18.91
C VAL A 97 14.36 -2.72 19.12
N ASN A 98 13.24 -2.04 18.93
CA ASN A 98 11.93 -2.60 19.24
C ASN A 98 11.40 -3.43 18.08
N PHE A 99 10.80 -4.56 18.41
CA PHE A 99 10.16 -5.43 17.43
C PHE A 99 8.78 -5.81 17.92
N HIS A 100 7.84 -5.93 16.98
CA HIS A 100 6.44 -6.26 17.25
C HIS A 100 6.05 -7.39 16.30
N MET A 101 6.02 -8.61 16.81
CA MET A 101 5.77 -9.80 16.00
C MET A 101 4.36 -10.30 16.26
N PHE A 102 3.59 -10.46 15.19
CA PHE A 102 2.19 -10.84 15.32
C PHE A 102 1.86 -12.00 14.38
N ASP A 103 1.16 -12.99 14.92
CA ASP A 103 0.67 -14.14 14.17
C ASP A 103 -0.85 -14.07 14.13
N VAL A 104 -1.42 -14.13 12.94
CA VAL A 104 -2.86 -14.02 12.75
C VAL A 104 -3.42 -15.43 12.80
N GLY A 105 -4.08 -15.77 13.90
CA GLY A 105 -4.57 -17.12 14.08
C GLY A 105 -6.05 -17.23 14.36
N GLY A 106 -6.76 -16.11 14.38
CA GLY A 106 -8.18 -16.09 14.65
C GLY A 106 -9.07 -15.94 13.43
N GLN A 107 -8.57 -16.18 12.24
CA GLN A 107 -9.32 -15.98 11.01
C GLN A 107 -9.58 -17.32 10.33
N ARG A 108 -10.17 -17.24 9.14
CA ARG A 108 -10.45 -18.39 8.30
C ARG A 108 -9.36 -18.52 7.25
N ASP A 109 -9.57 -19.44 6.31
CA ASP A 109 -8.58 -19.64 5.24
C ASP A 109 -8.57 -18.50 4.24
N GLU A 110 -9.65 -17.74 4.13
CA GLU A 110 -9.70 -16.60 3.23
C GLU A 110 -8.78 -15.52 3.74
N ARG A 111 -7.65 -15.31 3.06
CA ARG A 111 -6.67 -14.34 3.46
C ARG A 111 -6.42 -13.27 2.40
N ARG A 112 -7.25 -13.21 1.38
CA ARG A 112 -7.09 -12.20 0.34
C ARG A 112 -7.52 -10.82 0.79
N LYS A 113 -8.25 -10.72 1.89
CA LYS A 113 -8.76 -9.44 2.39
C LYS A 113 -8.05 -8.94 3.63
N TRP A 114 -7.72 -9.81 4.58
CA TRP A 114 -7.05 -9.34 5.79
C TRP A 114 -5.53 -9.34 5.68
N ILE A 115 -4.97 -9.88 4.60
CA ILE A 115 -3.54 -9.68 4.36
C ILE A 115 -3.26 -8.25 3.95
N GLN A 116 -4.26 -7.55 3.42
CA GLN A 116 -4.10 -6.16 3.01
C GLN A 116 -3.74 -5.26 4.17
N CYS A 117 -4.04 -5.68 5.40
CA CYS A 117 -3.67 -4.91 6.58
C CYS A 117 -2.16 -4.87 6.80
N PHE A 118 -1.40 -5.71 6.12
CA PHE A 118 0.04 -5.84 6.37
C PHE A 118 0.86 -5.37 5.17
N ASN A 119 0.42 -4.30 4.51
CA ASN A 119 1.19 -3.71 3.42
C ASN A 119 2.23 -2.72 3.89
N ASP A 120 2.20 -2.31 5.16
CA ASP A 120 3.21 -1.44 5.73
C ASP A 120 4.18 -2.19 6.63
N VAL A 121 4.06 -3.50 6.70
CA VAL A 121 4.90 -4.31 7.58
C VAL A 121 6.34 -4.29 7.07
N THR A 122 7.29 -4.13 8.01
CA THR A 122 8.69 -4.07 7.61
C THR A 122 9.18 -5.40 7.05
N ALA A 123 8.73 -6.52 7.62
CA ALA A 123 9.18 -7.82 7.13
C ALA A 123 8.16 -8.90 7.45
N ILE A 124 8.00 -9.84 6.53
CA ILE A 124 7.15 -11.01 6.74
C ILE A 124 8.06 -12.19 7.02
N ILE A 125 8.02 -12.70 8.24
CA ILE A 125 8.74 -13.91 8.58
C ILE A 125 7.90 -15.09 8.12
N PHE A 126 8.30 -15.71 7.02
CA PHE A 126 7.57 -16.84 6.44
C PHE A 126 8.24 -18.11 6.92
N VAL A 127 7.61 -18.77 7.89
CA VAL A 127 8.13 -20.00 8.47
C VAL A 127 7.65 -21.18 7.64
N VAL A 128 8.59 -22.06 7.28
CA VAL A 128 8.28 -23.23 6.46
C VAL A 128 8.70 -24.47 7.22
N ASP A 129 7.95 -25.54 7.07
CA ASP A 129 8.33 -26.84 7.62
C ASP A 129 9.02 -27.63 6.52
N SER A 130 10.36 -27.59 6.52
CA SER A 130 11.11 -28.22 5.45
C SER A 130 11.15 -29.74 5.55
N SER A 131 10.75 -30.31 6.69
CA SER A 131 10.80 -31.75 6.84
C SER A 131 9.64 -32.44 6.12
N ASP A 132 8.48 -31.81 6.07
CA ASP A 132 7.29 -32.42 5.49
C ASP A 132 7.25 -32.04 4.01
N TYR A 133 7.39 -33.03 3.13
CA TYR A 133 7.40 -32.80 1.70
C TYR A 133 6.01 -32.76 1.09
N ASN A 134 5.02 -33.38 1.73
CA ASN A 134 3.68 -33.42 1.16
C ASN A 134 3.10 -32.02 1.06
N ARG A 135 3.30 -31.19 2.07
CA ARG A 135 2.79 -29.82 2.07
C ARG A 135 3.86 -28.80 1.70
N LEU A 136 5.04 -29.25 1.28
CA LEU A 136 6.07 -28.32 0.83
C LEU A 136 5.63 -27.60 -0.45
N GLN A 137 4.90 -28.29 -1.33
CA GLN A 137 4.39 -27.62 -2.52
C GLN A 137 3.33 -26.59 -2.15
N GLU A 138 2.50 -26.89 -1.15
CA GLU A 138 1.55 -25.89 -0.67
C GLU A 138 2.27 -24.69 -0.07
N ALA A 139 3.37 -24.93 0.65
CA ALA A 139 4.17 -23.83 1.17
C ALA A 139 4.76 -23.00 0.03
N LEU A 140 5.21 -23.66 -1.03
CA LEU A 140 5.73 -22.92 -2.18
C LEU A 140 4.64 -22.08 -2.83
N ASN A 141 3.43 -22.63 -2.96
CA ASN A 141 2.32 -21.87 -3.53
C ASN A 141 1.98 -20.68 -2.65
N ASP A 142 1.96 -20.87 -1.34
CA ASP A 142 1.67 -19.78 -0.42
C ASP A 142 2.73 -18.69 -0.53
N PHE A 143 4.00 -19.09 -0.60
CA PHE A 143 5.08 -18.12 -0.75
C PHE A 143 4.96 -17.37 -2.06
N LYS A 144 4.61 -18.07 -3.13
CA LYS A 144 4.43 -17.42 -4.43
C LYS A 144 3.32 -16.39 -4.38
N SER A 145 2.19 -16.74 -3.76
CA SER A 145 1.06 -15.83 -3.69
C SER A 145 1.38 -14.62 -2.81
N ILE A 146 2.11 -14.83 -1.72
CA ILE A 146 2.53 -13.71 -0.89
C ILE A 146 3.50 -12.81 -1.64
N TRP A 147 4.42 -13.41 -2.41
CA TRP A 147 5.42 -12.65 -3.13
C TRP A 147 4.80 -11.81 -4.23
N ASN A 148 3.81 -12.34 -4.95
CA ASN A 148 3.26 -11.68 -6.12
C ASN A 148 1.99 -10.90 -5.82
N ASN A 149 1.70 -10.62 -4.55
CA ASN A 149 0.56 -9.78 -4.22
C ASN A 149 0.80 -8.33 -4.61
N ARG A 150 -0.30 -7.62 -4.88
CA ARG A 150 -0.19 -6.20 -5.19
C ARG A 150 0.13 -5.38 -3.94
N TRP A 151 -0.36 -5.83 -2.79
CA TRP A 151 -0.18 -5.11 -1.55
C TRP A 151 1.03 -5.59 -0.75
N LEU A 152 1.72 -6.63 -1.21
CA LEU A 152 2.94 -7.10 -0.59
C LEU A 152 4.14 -7.03 -1.53
N ARG A 153 4.05 -6.19 -2.57
CA ARG A 153 5.15 -6.05 -3.51
C ARG A 153 6.38 -5.43 -2.86
N THR A 154 6.18 -4.56 -1.87
CA THR A 154 7.28 -3.84 -1.24
C THR A 154 7.65 -4.41 0.12
N ILE A 155 7.19 -5.62 0.43
CA ILE A 155 7.42 -6.24 1.72
C ILE A 155 8.45 -7.36 1.54
N SER A 156 9.57 -7.24 2.23
CA SER A 156 10.59 -8.28 2.15
C SER A 156 10.24 -9.42 3.09
N VAL A 157 10.63 -10.63 2.68
CA VAL A 157 10.26 -11.86 3.35
C VAL A 157 11.52 -12.48 3.95
N ILE A 158 11.50 -12.69 5.26
CA ILE A 158 12.53 -13.46 5.95
C ILE A 158 12.08 -14.91 5.92
N LEU A 159 12.71 -15.71 5.08
CA LEU A 159 12.38 -17.12 5.00
C LEU A 159 12.94 -17.85 6.22
N PHE A 160 12.15 -18.80 6.73
CA PHE A 160 12.41 -19.46 7.99
C PHE A 160 12.20 -20.96 7.81
N LEU A 161 12.94 -21.53 6.86
CA LEU A 161 13.07 -22.97 6.77
C LEU A 161 13.36 -23.53 8.15
N ASN A 162 12.44 -24.31 8.68
CA ASN A 162 12.45 -24.77 10.06
C ASN A 162 12.49 -26.28 10.09
N LYS A 163 12.50 -26.83 11.30
CA LYS A 163 12.56 -28.28 11.50
C LYS A 163 13.71 -28.90 10.71
N GLN A 164 14.86 -28.23 10.75
CA GLN A 164 16.02 -28.69 9.99
C GLN A 164 16.54 -30.02 10.52
N ASP A 165 16.40 -30.26 11.83
CA ASP A 165 16.84 -31.53 12.39
C ASP A 165 16.01 -32.69 11.86
N LEU A 166 14.70 -32.52 11.75
CA LEU A 166 13.88 -33.57 11.18
C LEU A 166 14.16 -33.77 9.70
N LEU A 167 14.52 -32.69 8.99
CA LEU A 167 14.97 -32.87 7.61
C LEU A 167 16.23 -33.71 7.54
N ALA A 168 17.18 -33.45 8.45
CA ALA A 168 18.40 -34.25 8.49
C ALA A 168 18.07 -35.71 8.76
N GLU A 169 17.20 -35.96 9.73
CA GLU A 169 16.83 -37.33 10.05
C GLU A 169 16.09 -38.00 8.91
N LYS A 170 15.29 -37.24 8.15
CA LYS A 170 14.50 -37.81 7.07
C LYS A 170 15.35 -38.09 5.83
N VAL A 171 16.40 -37.32 5.60
CA VAL A 171 17.26 -37.58 4.44
C VAL A 171 18.44 -38.48 4.76
N LEU A 172 18.82 -38.62 6.03
CA LEU A 172 19.88 -39.56 6.37
C LEU A 172 19.46 -40.99 6.09
N ALA A 173 18.21 -41.34 6.38
CA ALA A 173 17.70 -42.68 6.14
C ALA A 173 16.18 -42.58 6.01
N GLY A 174 15.52 -43.73 5.97
CA GLY A 174 14.08 -43.79 5.87
C GLY A 174 13.56 -43.86 4.45
N LYS A 175 14.40 -43.60 3.45
CA LYS A 175 14.06 -43.74 2.04
C LYS A 175 12.86 -42.89 1.63
N SER A 176 12.58 -41.82 2.35
CA SER A 176 11.54 -40.88 1.97
C SER A 176 12.13 -39.94 0.93
N LYS A 177 12.02 -40.31 -0.34
CA LYS A 177 12.68 -39.57 -1.41
C LYS A 177 11.98 -38.24 -1.65
N ILE A 178 12.77 -37.22 -2.00
CA ILE A 178 12.20 -35.91 -2.29
C ILE A 178 11.70 -35.84 -3.73
N GLU A 179 12.25 -36.68 -4.61
CA GLU A 179 11.92 -36.62 -6.03
C GLU A 179 10.49 -37.01 -6.34
N ASP A 180 9.79 -37.70 -5.43
CA ASP A 180 8.39 -38.02 -5.68
C ASP A 180 7.54 -36.75 -5.74
N TYR A 181 7.83 -35.78 -4.89
CA TYR A 181 7.07 -34.54 -4.85
C TYR A 181 7.70 -33.43 -5.68
N PHE A 182 9.01 -33.45 -5.87
CA PHE A 182 9.72 -32.47 -6.68
C PHE A 182 10.69 -33.21 -7.58
N PRO A 183 10.25 -33.61 -8.78
CA PRO A 183 11.11 -34.42 -9.63
C PRO A 183 12.17 -33.61 -10.36
N GLU A 184 12.81 -32.69 -9.64
CA GLU A 184 14.02 -32.04 -10.10
C GLU A 184 15.18 -32.22 -9.14
N PHE A 185 15.00 -32.98 -8.06
CA PHE A 185 16.05 -33.14 -7.07
C PHE A 185 17.26 -33.85 -7.65
N ALA A 186 17.02 -34.87 -8.49
CA ALA A 186 18.15 -35.59 -9.09
C ALA A 186 18.93 -34.68 -10.03
N ARG A 187 18.25 -33.84 -10.79
CA ARG A 187 18.92 -32.84 -11.63
C ARG A 187 19.25 -31.58 -10.83
N TYR A 188 19.92 -31.75 -9.70
CA TYR A 188 20.25 -30.61 -8.84
C TYR A 188 21.55 -30.90 -8.13
N THR A 189 22.46 -29.93 -8.15
CA THR A 189 23.75 -30.04 -7.49
C THR A 189 23.86 -28.98 -6.40
N THR A 190 24.54 -29.33 -5.32
CA THR A 190 24.72 -28.38 -4.22
C THR A 190 25.46 -27.15 -4.71
N PRO A 191 24.99 -25.95 -4.37
CA PRO A 191 25.70 -24.74 -4.81
C PRO A 191 27.09 -24.66 -4.23
N GLU A 192 27.99 -24.04 -4.98
CA GLU A 192 29.37 -23.87 -4.52
C GLU A 192 29.41 -23.02 -3.26
N ASP A 193 28.59 -21.98 -3.20
CA ASP A 193 28.50 -21.16 -2.00
C ASP A 193 27.59 -21.83 -0.98
N ALA A 194 27.86 -23.07 -0.60
CA ALA A 194 26.93 -23.75 0.31
C ALA A 194 27.25 -23.51 1.78
N THR A 195 28.49 -23.16 2.09
CA THR A 195 28.93 -22.93 3.46
C THR A 195 28.06 -23.70 4.46
N PRO A 196 28.08 -25.03 4.42
CA PRO A 196 27.27 -25.80 5.34
C PRO A 196 27.96 -25.97 6.69
N GLU A 197 27.24 -26.57 7.62
CA GLU A 197 27.82 -26.91 8.91
C GLU A 197 28.91 -27.96 8.73
N PRO A 198 29.93 -27.96 9.60
CA PRO A 198 31.05 -28.89 9.40
C PRO A 198 30.65 -30.35 9.36
N GLY A 199 29.68 -30.75 10.18
CA GLY A 199 29.27 -32.14 10.25
C GLY A 199 28.12 -32.54 9.37
N GLU A 200 27.70 -31.69 8.44
CA GLU A 200 26.52 -31.98 7.63
C GLU A 200 26.83 -33.04 6.58
N ASP A 201 25.97 -34.04 6.50
CA ASP A 201 26.03 -35.00 5.41
C ASP A 201 25.76 -34.27 4.10
N PRO A 202 26.51 -34.57 3.04
CA PRO A 202 26.20 -33.93 1.74
C PRO A 202 24.75 -34.08 1.31
N ARG A 203 24.09 -35.17 1.68
CA ARG A 203 22.68 -35.34 1.32
C ARG A 203 21.80 -34.29 1.97
N VAL A 204 22.02 -34.02 3.27
CA VAL A 204 21.18 -33.03 3.94
C VAL A 204 21.46 -31.64 3.40
N THR A 205 22.72 -31.35 3.06
CA THR A 205 23.04 -30.06 2.47
C THR A 205 22.34 -29.91 1.12
N ARG A 206 22.37 -30.97 0.32
CA ARG A 206 21.67 -30.96 -0.97
C ARG A 206 20.18 -30.71 -0.78
N ALA A 207 19.56 -31.39 0.18
CA ALA A 207 18.11 -31.25 0.37
C ALA A 207 17.75 -29.84 0.84
N LYS A 208 18.45 -29.36 1.85
CA LYS A 208 18.14 -28.04 2.39
C LYS A 208 18.36 -26.96 1.35
N TYR A 209 19.39 -27.13 0.58
CA TYR A 209 19.58 -26.16 -0.42
C TYR A 209 18.42 -26.23 -1.38
N PHE A 210 18.18 -27.42 -1.91
CA PHE A 210 17.12 -27.56 -2.91
C PHE A 210 15.87 -26.81 -2.49
N ILE A 211 15.47 -26.96 -1.22
CA ILE A 211 14.28 -26.27 -0.74
C ILE A 211 14.50 -24.76 -0.75
N ARG A 212 15.66 -24.32 -0.26
CA ARG A 212 15.96 -22.90 -0.24
C ARG A 212 15.97 -22.32 -1.64
N ASP A 213 16.51 -23.06 -2.62
CA ASP A 213 16.56 -22.56 -3.97
C ASP A 213 15.20 -22.61 -4.66
N GLU A 214 14.32 -23.51 -4.26
CA GLU A 214 12.94 -23.44 -4.75
C GLU A 214 12.28 -22.14 -4.32
N PHE A 215 12.39 -21.83 -3.03
CA PHE A 215 11.82 -20.58 -2.54
C PHE A 215 12.52 -19.37 -3.18
N LEU A 216 13.83 -19.46 -3.39
CA LEU A 216 14.58 -18.35 -3.97
C LEU A 216 14.25 -18.16 -5.45
N ARG A 217 13.97 -19.25 -6.16
CA ARG A 217 13.48 -19.13 -7.53
C ARG A 217 12.14 -18.43 -7.57
N ILE A 218 11.25 -18.78 -6.63
CA ILE A 218 9.99 -18.05 -6.54
C ILE A 218 10.24 -16.57 -6.26
N SER A 219 11.20 -16.28 -5.39
CA SER A 219 11.47 -14.90 -5.03
C SER A 219 12.03 -14.10 -6.20
N THR A 220 13.02 -14.64 -6.90
CA THR A 220 13.68 -13.95 -7.99
C THR A 220 12.95 -14.06 -9.32
N ALA A 221 11.84 -14.80 -9.36
CA ALA A 221 11.03 -14.84 -10.57
C ALA A 221 10.47 -13.47 -10.90
N SER A 222 10.02 -12.74 -9.89
CA SER A 222 9.45 -11.42 -10.11
C SER A 222 9.65 -10.56 -8.87
N GLY A 223 9.62 -9.25 -9.08
CA GLY A 223 9.75 -8.30 -8.00
C GLY A 223 11.07 -8.35 -7.28
N ASP A 224 12.16 -8.62 -8.00
CA ASP A 224 13.47 -8.67 -7.35
C ASP A 224 13.89 -7.30 -6.83
N GLY A 225 13.64 -6.24 -7.61
CA GLY A 225 14.07 -4.91 -7.20
C GLY A 225 13.33 -4.38 -5.99
N ARG A 226 12.01 -4.55 -5.97
CA ARG A 226 11.20 -3.92 -4.92
C ARG A 226 11.46 -4.55 -3.55
N HIS A 227 11.59 -5.87 -3.50
CA HIS A 227 11.73 -6.55 -2.21
C HIS A 227 12.55 -7.82 -2.41
N TYR A 228 13.12 -8.30 -1.31
CA TYR A 228 14.07 -9.40 -1.33
C TYR A 228 13.72 -10.41 -0.25
N CYS A 229 14.15 -11.66 -0.47
CA CYS A 229 13.93 -12.75 0.45
C CYS A 229 15.24 -13.11 1.14
N TYR A 230 15.18 -13.36 2.43
CA TYR A 230 16.35 -13.69 3.25
C TYR A 230 16.20 -15.11 3.76
N PRO A 231 16.74 -16.10 3.04
CA PRO A 231 16.64 -17.48 3.51
C PRO A 231 17.41 -17.68 4.81
N HIS A 232 16.85 -18.49 5.70
CA HIS A 232 17.52 -18.83 6.94
C HIS A 232 17.16 -20.24 7.33
N PHE A 233 18.17 -21.04 7.68
CA PHE A 233 17.97 -22.41 8.13
C PHE A 233 17.74 -22.37 9.63
N THR A 234 16.48 -22.28 10.01
CA THR A 234 16.09 -22.10 11.40
C THR A 234 16.00 -23.50 12.03
N CYS A 235 15.57 -23.59 13.29
CA CYS A 235 15.57 -24.75 14.19
C CYS A 235 16.94 -24.92 14.81
N ALA A 236 17.80 -23.93 14.70
CA ALA A 236 19.06 -23.86 15.44
C ALA A 236 18.78 -23.23 16.80
N VAL A 237 19.85 -22.81 17.49
CA VAL A 237 19.69 -22.13 18.76
C VAL A 237 18.86 -20.86 18.55
N ASP A 238 18.01 -20.55 19.54
CA ASP A 238 17.08 -19.44 19.41
C ASP A 238 17.80 -18.12 19.17
N THR A 239 18.95 -17.93 19.83
CA THR A 239 19.70 -16.69 19.66
C THR A 239 20.09 -16.48 18.19
N GLN A 240 20.39 -17.57 17.48
CA GLN A 240 20.69 -17.44 16.06
C GLN A 240 19.49 -16.93 15.28
N ASN A 241 18.28 -17.42 15.61
CA ASN A 241 17.08 -16.95 14.93
C ASN A 241 16.84 -15.47 15.20
N VAL A 242 16.99 -15.06 16.46
CA VAL A 242 16.80 -13.64 16.80
C VAL A 242 17.82 -12.79 16.06
N LYS A 243 19.07 -13.24 16.03
CA LYS A 243 20.13 -12.48 15.38
C LYS A 243 19.89 -12.37 13.88
N PHE A 244 19.45 -13.44 13.25
CA PHE A 244 19.17 -13.36 11.82
C PHE A 244 18.00 -12.43 11.53
N VAL A 245 16.95 -12.50 12.34
CA VAL A 245 15.83 -11.58 12.15
C VAL A 245 16.30 -10.15 12.31
N PHE A 246 17.16 -9.90 13.30
CA PHE A 246 17.65 -8.55 13.54
C PHE A 246 18.47 -8.04 12.36
N ASP A 247 19.40 -8.86 11.86
CA ASP A 247 20.23 -8.43 10.74
C ASP A 247 19.40 -8.22 9.48
N ALA A 248 18.45 -9.12 9.21
CA ALA A 248 17.58 -8.95 8.06
C ALA A 248 16.77 -7.68 8.17
N VAL A 249 16.23 -7.39 9.36
CA VAL A 249 15.46 -6.16 9.53
C VAL A 249 16.35 -4.95 9.30
N THR A 250 17.57 -4.99 9.84
CA THR A 250 18.48 -3.85 9.66
C THR A 250 18.78 -3.61 8.20
N ASP A 251 19.01 -4.57 7.41
CA ASP A 251 19.26 -4.16 6.07
C ASP A 251 17.98 -3.67 5.56
N ILE A 252 16.97 -4.47 5.63
CA ILE A 252 15.74 -3.98 5.01
C ILE A 252 15.62 -2.48 5.20
N ILE A 253 15.85 -2.00 6.43
CA ILE A 253 15.80 -0.56 6.67
C ILE A 253 16.90 0.15 5.91
N ILE A 254 18.06 -0.49 5.77
CA ILE A 254 19.15 0.13 5.00
C ILE A 254 18.75 0.30 3.54
N LYS A 255 18.16 -0.73 2.94
CA LYS A 255 17.64 -0.59 1.57
C LYS A 255 16.62 0.53 1.48
N GLU A 256 15.67 0.56 2.43
CA GLU A 256 14.62 1.58 2.35
C GLU A 256 15.20 2.99 2.46
N ASN A 257 16.10 3.20 3.42
CA ASN A 257 16.69 4.52 3.61
C ASN A 257 17.60 4.90 2.45
N LEU A 258 18.27 3.94 1.83
CA LEU A 258 19.13 4.26 0.70
C LEU A 258 18.31 4.54 -0.55
N LYS A 259 17.17 3.86 -0.73
CA LYS A 259 16.25 4.23 -1.79
C LYS A 259 15.70 5.63 -1.57
N ASP A 260 15.33 5.95 -0.33
CA ASP A 260 14.83 7.29 -0.03
C ASP A 260 15.88 8.35 -0.29
N CYS A 261 17.13 8.09 0.12
CA CYS A 261 18.20 9.05 -0.08
C CYS A 261 18.62 9.12 -1.54
N GLY A 262 18.52 8.01 -2.27
CA GLY A 262 18.92 7.95 -3.64
C GLY A 262 20.25 7.27 -3.89
N LEU A 263 20.99 6.92 -2.84
CA LEU A 263 22.27 6.23 -2.98
C LEU A 263 22.04 4.74 -3.21
N PHE A 264 21.29 4.44 -4.26
CA PHE A 264 21.02 3.06 -4.64
C PHE A 264 21.47 2.77 -6.07
N GLU B 3 -31.33 -38.24 -3.11
CA GLU B 3 -31.46 -37.32 -1.99
C GLU B 3 -30.79 -35.99 -2.29
N LEU B 4 -29.50 -35.90 -1.97
CA LEU B 4 -28.76 -34.65 -2.18
C LEU B 4 -28.85 -34.19 -3.62
N ASP B 5 -28.85 -35.13 -4.57
CA ASP B 5 -29.03 -34.78 -5.97
C ASP B 5 -30.39 -34.13 -6.21
N GLN B 6 -31.44 -34.66 -5.57
CA GLN B 6 -32.76 -34.08 -5.72
C GLN B 6 -32.81 -32.65 -5.20
N LEU B 7 -32.20 -32.41 -4.03
CA LEU B 7 -32.16 -31.05 -3.51
C LEU B 7 -31.34 -30.13 -4.40
N ARG B 8 -30.23 -30.62 -4.96
CA ARG B 8 -29.44 -29.79 -5.86
C ARG B 8 -30.24 -29.42 -7.10
N GLN B 9 -30.95 -30.39 -7.68
CA GLN B 9 -31.75 -30.10 -8.86
C GLN B 9 -32.89 -29.13 -8.52
N GLU B 10 -33.51 -29.28 -7.36
CA GLU B 10 -34.58 -28.39 -6.96
C GLU B 10 -34.06 -26.97 -6.75
N ALA B 11 -32.87 -26.84 -6.16
CA ALA B 11 -32.26 -25.52 -6.01
C ALA B 11 -31.95 -24.91 -7.38
N GLU B 12 -31.45 -25.72 -8.31
CA GLU B 12 -31.19 -25.22 -9.65
C GLU B 12 -32.47 -24.77 -10.33
N GLN B 13 -33.55 -25.52 -10.16
CA GLN B 13 -34.83 -25.15 -10.74
C GLN B 13 -35.34 -23.84 -10.15
N LEU B 14 -35.20 -23.65 -8.84
CA LEU B 14 -35.60 -22.40 -8.23
C LEU B 14 -34.74 -21.24 -8.73
N LYS B 15 -33.43 -21.47 -8.89
CA LYS B 15 -32.58 -20.42 -9.45
C LYS B 15 -33.03 -20.04 -10.85
N ASN B 16 -33.35 -21.04 -11.67
CA ASN B 16 -33.83 -20.76 -13.02
C ASN B 16 -35.15 -20.01 -12.99
N GLN B 17 -36.05 -20.37 -12.07
CA GLN B 17 -37.33 -19.68 -11.98
C GLN B 17 -37.16 -18.22 -11.55
N ILE B 18 -36.28 -17.98 -10.58
CA ILE B 18 -36.00 -16.60 -10.16
C ILE B 18 -35.41 -15.81 -11.30
N ARG B 19 -34.48 -16.42 -12.04
CA ARG B 19 -33.88 -15.73 -13.19
C ARG B 19 -34.93 -15.41 -14.25
N ASP B 20 -35.85 -16.36 -14.50
CA ASP B 20 -36.90 -16.12 -15.48
C ASP B 20 -37.84 -15.01 -15.03
N ALA B 21 -38.19 -14.97 -13.75
CA ALA B 21 -39.02 -13.89 -13.24
C ALA B 21 -38.32 -12.54 -13.39
N ARG B 22 -37.02 -12.50 -13.07
CA ARG B 22 -36.27 -11.25 -13.22
C ARG B 22 -36.23 -10.81 -14.68
N LYS B 23 -36.05 -11.76 -15.60
CA LYS B 23 -36.09 -11.42 -17.01
C LYS B 23 -37.46 -10.90 -17.42
N ALA B 24 -38.52 -11.50 -16.86
CA ALA B 24 -39.87 -11.03 -17.15
C ALA B 24 -40.08 -9.61 -16.65
N CYS B 25 -39.43 -9.22 -15.56
CA CYS B 25 -39.52 -7.83 -15.11
C CYS B 25 -38.67 -6.91 -15.97
N ALA B 26 -37.65 -7.43 -16.63
CA ALA B 26 -36.77 -6.62 -17.46
C ALA B 26 -37.46 -6.28 -18.77
N ASP B 27 -37.98 -5.06 -18.87
CA ASP B 27 -38.66 -4.60 -20.09
C ASP B 27 -37.94 -3.44 -20.74
N ALA B 28 -37.66 -2.38 -19.99
CA ALA B 28 -36.92 -1.22 -20.48
C ALA B 28 -35.81 -0.90 -19.50
N THR B 29 -34.58 -0.92 -19.97
CA THR B 29 -33.43 -0.71 -19.10
C THR B 29 -33.38 0.74 -18.63
N LEU B 30 -32.73 0.95 -17.48
CA LEU B 30 -32.58 2.29 -16.95
C LEU B 30 -31.75 3.17 -17.88
N SER B 31 -30.88 2.55 -18.69
CA SER B 31 -30.10 3.32 -19.64
C SER B 31 -30.98 3.98 -20.69
N GLN B 32 -31.94 3.23 -21.24
CA GLN B 32 -32.84 3.81 -22.23
C GLN B 32 -33.81 4.79 -21.60
N ILE B 33 -34.23 4.51 -20.36
CA ILE B 33 -35.17 5.40 -19.67
C ILE B 33 -34.55 6.76 -19.43
N THR B 34 -33.27 6.79 -19.06
CA THR B 34 -32.57 8.03 -18.78
C THR B 34 -31.83 8.58 -19.99
N ASN B 35 -32.05 8.03 -21.17
CA ASN B 35 -31.35 8.52 -22.36
C ASN B 35 -31.70 9.96 -22.65
N ASN B 36 -32.96 10.35 -22.46
CA ASN B 36 -33.41 11.69 -22.79
C ASN B 36 -33.15 12.70 -21.68
N ILE B 37 -32.76 12.26 -20.49
CA ILE B 37 -32.55 13.20 -19.39
C ILE B 37 -31.32 14.04 -19.66
N ASP B 38 -31.31 15.26 -19.14
CA ASP B 38 -30.17 16.13 -19.34
C ASP B 38 -28.96 15.58 -18.59
N PRO B 39 -27.78 15.54 -19.21
CA PRO B 39 -26.61 14.96 -18.56
C PRO B 39 -26.20 15.77 -17.33
N VAL B 40 -25.56 15.09 -16.39
CA VAL B 40 -25.14 15.72 -15.15
C VAL B 40 -24.15 16.85 -15.42
N GLY B 41 -23.24 16.64 -16.35
CA GLY B 41 -22.21 17.61 -16.65
C GLY B 41 -20.89 17.23 -16.00
N ARG B 42 -19.89 18.06 -16.27
CA ARG B 42 -18.54 17.85 -15.74
C ARG B 42 -18.46 18.53 -14.38
N ILE B 43 -18.68 17.77 -13.32
CA ILE B 43 -18.59 18.29 -11.97
C ILE B 43 -17.13 18.21 -11.52
N GLN B 44 -16.67 19.22 -10.79
CA GLN B 44 -15.31 19.28 -10.30
C GLN B 44 -15.33 19.59 -8.82
N MET B 45 -14.69 18.74 -8.04
CA MET B 45 -14.61 18.92 -6.60
C MET B 45 -13.18 19.25 -6.21
N ARG B 46 -13.02 20.34 -5.48
CA ARG B 46 -11.72 20.73 -4.96
C ARG B 46 -11.63 20.36 -3.49
N THR B 47 -10.41 20.09 -3.05
CA THR B 47 -10.16 19.64 -1.68
C THR B 47 -10.09 20.86 -0.77
N ARG B 48 -11.15 21.08 -0.01
CA ARG B 48 -11.20 22.22 0.90
C ARG B 48 -10.32 22.00 2.12
N ARG B 49 -10.34 20.80 2.69
CA ARG B 49 -9.63 20.53 3.93
C ARG B 49 -8.97 19.16 3.87
N THR B 50 -7.65 19.13 4.06
CA THR B 50 -6.89 17.89 4.15
C THR B 50 -6.58 17.64 5.62
N LEU B 51 -7.09 16.53 6.14
CA LEU B 51 -6.92 16.19 7.54
C LEU B 51 -5.70 15.30 7.71
N ARG B 52 -4.73 15.76 8.50
CA ARG B 52 -3.49 15.05 8.72
C ARG B 52 -3.32 14.78 10.21
N GLY B 53 -2.54 13.74 10.51
CA GLY B 53 -2.29 13.38 11.89
C GLY B 53 -2.17 11.89 12.11
N HIS B 54 -2.59 11.09 11.15
CA HIS B 54 -2.51 9.64 11.26
C HIS B 54 -1.11 9.16 10.91
N LEU B 55 -0.61 8.20 11.69
CA LEU B 55 0.72 7.65 11.47
C LEU B 55 0.73 6.46 10.52
N ALA B 56 -0.43 5.94 10.14
CA ALA B 56 -0.51 4.77 9.27
C ALA B 56 -1.69 4.97 8.33
N LYS B 57 -2.00 3.92 7.57
CA LYS B 57 -3.00 4.04 6.54
C LYS B 57 -4.41 4.08 7.13
N ILE B 58 -5.24 4.96 6.58
CA ILE B 58 -6.64 5.03 6.98
C ILE B 58 -7.36 3.86 6.34
N TYR B 59 -8.06 3.07 7.16
CA TYR B 59 -8.78 1.92 6.64
C TYR B 59 -10.29 2.14 6.57
N ALA B 60 -10.84 3.06 7.35
CA ALA B 60 -12.26 3.34 7.30
C ALA B 60 -12.51 4.72 7.90
N MET B 61 -13.65 5.28 7.55
CA MET B 61 -14.14 6.49 8.19
C MET B 61 -15.66 6.50 8.11
N HIS B 62 -16.27 7.33 8.94
CA HIS B 62 -17.71 7.50 8.91
C HIS B 62 -18.06 8.90 9.40
N TRP B 63 -19.03 9.52 8.74
CA TRP B 63 -19.47 10.85 9.09
C TRP B 63 -20.49 10.80 10.22
N GLY B 64 -20.59 11.90 10.94
CA GLY B 64 -21.64 12.07 11.91
C GLY B 64 -22.91 12.62 11.29
N THR B 65 -24.01 12.51 12.03
CA THR B 65 -25.27 13.08 11.57
C THR B 65 -25.18 14.61 11.48
N ASP B 66 -24.32 15.21 12.30
CA ASP B 66 -24.14 16.66 12.29
C ASP B 66 -23.50 17.17 11.01
N SER B 67 -23.00 16.28 10.16
CA SER B 67 -22.38 16.61 8.89
C SER B 67 -21.10 17.41 9.05
N ARG B 68 -20.57 17.48 10.27
CA ARG B 68 -19.38 18.26 10.57
C ARG B 68 -18.28 17.43 11.19
N LEU B 69 -18.62 16.50 12.08
CA LEU B 69 -17.66 15.65 12.77
C LEU B 69 -17.58 14.30 12.06
N LEU B 70 -16.36 13.85 11.80
CA LEU B 70 -16.15 12.51 11.27
C LEU B 70 -15.21 11.75 12.20
N VAL B 71 -15.14 10.45 12.01
CA VAL B 71 -14.22 9.60 12.75
C VAL B 71 -13.48 8.72 11.76
N SER B 72 -12.16 8.65 11.90
CA SER B 72 -11.32 7.90 10.98
C SER B 72 -10.44 6.92 11.75
N ALA B 73 -10.30 5.72 11.20
CA ALA B 73 -9.53 4.65 11.80
C ALA B 73 -8.26 4.44 11.00
N SER B 74 -7.12 4.37 11.69
CA SER B 74 -5.85 4.12 11.04
C SER B 74 -5.21 2.86 11.60
N GLN B 75 -4.39 2.22 10.77
CA GLN B 75 -3.80 0.93 11.13
C GLN B 75 -2.79 1.04 12.25
N ASP B 76 -2.36 2.24 12.62
CA ASP B 76 -1.49 2.42 13.77
C ASP B 76 -2.18 2.15 15.09
N GLY B 77 -3.51 2.03 15.08
CA GLY B 77 -4.26 1.83 16.29
C GLY B 77 -4.79 3.15 16.83
N LYS B 78 -5.34 3.97 15.94
CA LYS B 78 -5.82 5.28 16.34
C LYS B 78 -7.18 5.57 15.70
N LEU B 79 -8.10 6.05 16.51
CA LEU B 79 -9.42 6.50 16.08
C LEU B 79 -9.49 8.00 16.31
N ILE B 80 -9.43 8.79 15.26
CA ILE B 80 -9.39 10.24 15.39
C ILE B 80 -10.70 10.83 14.93
N ILE B 81 -11.33 11.60 15.80
CA ILE B 81 -12.53 12.36 15.47
C ILE B 81 -12.11 13.74 15.00
N TRP B 82 -12.45 14.08 13.75
CA TRP B 82 -12.06 15.33 13.14
C TRP B 82 -13.26 16.25 13.03
N ASP B 83 -13.03 17.53 13.33
CA ASP B 83 -13.97 18.61 13.04
C ASP B 83 -13.56 19.19 11.69
N SER B 84 -14.32 18.87 10.65
CA SER B 84 -13.98 19.34 9.31
C SER B 84 -14.00 20.86 9.21
N TYR B 85 -15.01 21.49 9.80
CA TYR B 85 -15.16 22.94 9.66
C TYR B 85 -13.92 23.68 10.12
N THR B 86 -13.21 23.14 11.11
CA THR B 86 -12.05 23.81 11.69
C THR B 86 -10.78 22.96 11.59
N THR B 87 -10.81 21.85 10.86
CA THR B 87 -9.70 20.89 10.72
C THR B 87 -8.92 20.72 12.01
N ASN B 88 -9.63 20.34 13.06
CA ASN B 88 -9.04 20.09 14.37
C ASN B 88 -9.44 18.71 14.85
N LYS B 89 -8.58 18.10 15.66
CA LYS B 89 -8.82 16.78 16.22
C LYS B 89 -9.44 16.93 17.60
N VAL B 90 -10.63 16.35 17.77
CA VAL B 90 -11.32 16.42 19.05
C VAL B 90 -10.86 15.30 19.97
N HIS B 91 -10.84 14.07 19.47
CA HIS B 91 -10.45 12.92 20.26
C HIS B 91 -9.55 12.03 19.42
N ALA B 92 -8.46 11.57 20.01
CA ALA B 92 -7.56 10.61 19.36
C ALA B 92 -7.50 9.38 20.27
N ILE B 93 -8.44 8.47 20.08
CA ILE B 93 -8.55 7.28 20.93
C ILE B 93 -7.49 6.27 20.53
N PRO B 94 -6.59 5.89 21.42
CA PRO B 94 -5.73 4.74 21.16
C PRO B 94 -6.53 3.45 21.19
N LEU B 95 -6.20 2.54 20.29
CA LEU B 95 -6.91 1.28 20.18
C LEU B 95 -6.07 0.17 20.80
N ARG B 96 -6.75 -0.78 21.44
CA ARG B 96 -6.07 -1.93 22.02
C ARG B 96 -5.41 -2.77 20.95
N SER B 97 -6.11 -3.01 19.85
CA SER B 97 -5.56 -3.74 18.71
C SER B 97 -5.30 -2.76 17.57
N SER B 98 -4.07 -2.77 17.06
CA SER B 98 -3.68 -1.81 16.04
C SER B 98 -4.46 -1.99 14.75
N TRP B 99 -4.90 -3.21 14.46
CA TRP B 99 -5.49 -3.54 13.17
C TRP B 99 -6.98 -3.28 13.23
N VAL B 100 -7.40 -2.16 12.63
CA VAL B 100 -8.78 -1.74 12.61
C VAL B 100 -9.18 -1.52 11.15
N MET B 101 -10.28 -2.14 10.75
CA MET B 101 -10.77 -2.05 9.38
C MET B 101 -12.16 -1.47 9.28
N THR B 102 -12.84 -1.20 10.39
CA THR B 102 -14.17 -0.64 10.38
C THR B 102 -14.25 0.51 11.36
N CYS B 103 -15.18 1.42 11.10
CA CYS B 103 -15.29 2.63 11.91
C CYS B 103 -16.72 3.14 11.80
N ALA B 104 -17.35 3.39 12.94
CA ALA B 104 -18.73 3.82 12.99
C ALA B 104 -18.87 5.02 13.93
N TYR B 105 -19.77 5.92 13.59
CA TYR B 105 -20.13 7.05 14.44
C TYR B 105 -21.63 7.00 14.67
N ALA B 106 -22.04 6.98 15.94
CA ALA B 106 -23.44 6.84 16.26
C ALA B 106 -24.21 8.07 15.79
N PRO B 107 -25.48 7.90 15.41
CA PRO B 107 -26.26 9.04 14.94
C PRO B 107 -26.39 10.14 15.97
N SER B 108 -26.44 9.81 17.25
CA SER B 108 -26.53 10.81 18.30
C SER B 108 -25.20 11.49 18.58
N GLY B 109 -24.10 10.90 18.15
CA GLY B 109 -22.79 11.46 18.44
C GLY B 109 -22.23 11.10 19.79
N ASN B 110 -22.91 10.25 20.55
CA ASN B 110 -22.47 9.87 21.89
C ASN B 110 -21.56 8.65 21.89
N TYR B 111 -21.36 8.01 20.74
CA TYR B 111 -20.57 6.79 20.69
C TYR B 111 -19.83 6.70 19.37
N VAL B 112 -18.72 5.96 19.38
CA VAL B 112 -18.06 5.50 18.17
C VAL B 112 -17.81 4.02 18.31
N ALA B 113 -17.61 3.35 17.18
CA ALA B 113 -17.33 1.93 17.15
C ALA B 113 -16.16 1.65 16.22
N CYS B 114 -15.37 0.63 16.57
CA CYS B 114 -14.27 0.20 15.75
C CYS B 114 -14.13 -1.30 15.88
N GLY B 115 -13.37 -1.89 14.94
CA GLY B 115 -13.12 -3.32 14.98
C GLY B 115 -12.19 -3.70 13.87
N GLY B 116 -11.79 -4.96 13.87
CA GLY B 116 -10.89 -5.43 12.84
C GLY B 116 -10.41 -6.86 13.06
N LEU B 117 -9.11 -7.08 12.94
CA LEU B 117 -8.56 -8.41 13.08
C LEU B 117 -8.67 -8.96 14.50
N ASP B 118 -9.01 -8.12 15.47
CA ASP B 118 -9.28 -8.60 16.83
C ASP B 118 -10.63 -9.29 16.95
N ASN B 119 -11.46 -9.24 15.92
CA ASN B 119 -12.78 -9.88 15.89
C ASN B 119 -13.71 -9.33 16.96
N ILE B 120 -13.45 -8.11 17.43
CA ILE B 120 -14.18 -7.51 18.54
C ILE B 120 -14.65 -6.13 18.13
N CYS B 121 -15.90 -5.81 18.45
CA CYS B 121 -16.46 -4.49 18.21
C CYS B 121 -16.28 -3.66 19.48
N SER B 122 -15.36 -2.71 19.45
CA SER B 122 -15.13 -1.84 20.58
C SER B 122 -15.97 -0.57 20.41
N ILE B 123 -16.88 -0.33 21.35
CA ILE B 123 -17.69 0.87 21.39
C ILE B 123 -17.12 1.80 22.44
N TYR B 124 -16.77 3.00 22.02
CA TYR B 124 -16.16 4.02 22.86
C TYR B 124 -17.18 5.12 23.13
N ASN B 125 -17.34 5.45 24.40
CA ASN B 125 -18.23 6.53 24.84
C ASN B 125 -17.49 7.85 24.76
N LEU B 126 -18.13 8.84 24.15
CA LEU B 126 -17.55 10.16 23.96
C LEU B 126 -18.01 11.17 25.01
N LYS B 127 -19.27 11.10 25.43
CA LYS B 127 -19.81 12.00 26.44
C LYS B 127 -19.70 11.42 27.85
N THR B 128 -18.49 11.00 28.22
CA THR B 128 -18.30 10.40 29.53
C THR B 128 -18.32 11.45 30.63
N ARG B 129 -18.39 10.98 31.88
CA ARG B 129 -18.38 11.89 33.02
C ARG B 129 -17.09 12.70 33.06
N GLU B 130 -15.97 12.04 32.83
CA GLU B 130 -14.68 12.72 32.70
C GLU B 130 -14.46 13.12 31.24
N GLY B 131 -13.32 13.74 30.97
CA GLY B 131 -12.95 14.15 29.64
C GLY B 131 -12.23 13.09 28.83
N ASN B 132 -12.08 11.88 29.37
CA ASN B 132 -11.35 10.81 28.70
C ASN B 132 -12.33 9.86 28.03
N VAL B 133 -12.10 9.58 26.75
CA VAL B 133 -12.90 8.62 26.01
C VAL B 133 -12.40 7.22 26.34
N ARG B 134 -13.29 6.36 26.82
CA ARG B 134 -12.95 5.03 27.25
C ARG B 134 -13.76 4.00 26.49
N VAL B 135 -13.28 2.76 26.50
CA VAL B 135 -13.97 1.66 25.84
C VAL B 135 -15.24 1.35 26.63
N SER B 136 -16.38 1.78 26.11
CA SER B 136 -17.63 1.54 26.80
C SER B 136 -17.98 0.06 26.81
N ARG B 137 -17.80 -0.62 25.69
CA ARG B 137 -18.12 -2.05 25.66
C ARG B 137 -17.38 -2.76 24.53
N GLU B 138 -16.91 -3.97 24.82
CA GLU B 138 -16.16 -4.79 23.86
C GLU B 138 -17.03 -5.98 23.48
N LEU B 139 -17.84 -5.81 22.43
CA LEU B 139 -18.66 -6.90 21.92
C LEU B 139 -17.78 -7.98 21.31
N ALA B 140 -17.94 -9.21 21.77
CA ALA B 140 -17.19 -10.34 21.26
C ALA B 140 -18.14 -11.46 20.86
N GLY B 141 -17.67 -12.32 19.96
CA GLY B 141 -18.49 -13.42 19.49
C GLY B 141 -18.27 -13.73 18.03
N HIS B 142 -17.83 -12.74 17.25
CA HIS B 142 -17.53 -12.98 15.85
C HIS B 142 -16.30 -13.87 15.72
N THR B 143 -16.35 -14.81 14.79
CA THR B 143 -15.25 -15.74 14.54
C THR B 143 -14.45 -15.32 13.31
N GLY B 144 -14.32 -14.03 13.09
CA GLY B 144 -13.61 -13.51 11.93
C GLY B 144 -13.45 -12.01 12.06
N TYR B 145 -12.65 -11.46 11.18
CA TYR B 145 -12.32 -10.04 11.26
C TYR B 145 -13.56 -9.19 11.00
N LEU B 146 -13.66 -8.10 11.73
CA LEU B 146 -14.82 -7.21 11.64
C LEU B 146 -14.58 -6.19 10.53
N SER B 147 -15.39 -6.27 9.48
CA SER B 147 -15.19 -5.45 8.29
C SER B 147 -15.98 -4.15 8.29
N CYS B 148 -17.20 -4.16 8.83
CA CYS B 148 -17.99 -2.94 8.87
C CYS B 148 -18.85 -2.93 10.13
N CYS B 149 -19.00 -1.74 10.70
CA CYS B 149 -19.89 -1.51 11.84
C CYS B 149 -20.78 -0.33 11.51
N ARG B 150 -22.07 -0.47 11.79
CA ARG B 150 -23.03 0.61 11.55
C ARG B 150 -23.98 0.67 12.74
N PHE B 151 -23.98 1.80 13.44
CA PHE B 151 -24.90 1.99 14.55
C PHE B 151 -26.33 2.12 14.04
N LEU B 152 -27.29 1.73 14.88
CA LEU B 152 -28.70 1.86 14.55
C LEU B 152 -29.44 2.81 15.47
N ASP B 153 -29.55 2.48 16.75
CA ASP B 153 -30.32 3.30 17.68
C ASP B 153 -29.59 3.45 19.00
N ASP B 154 -28.28 3.69 18.90
CA ASP B 154 -27.43 3.94 20.10
C ASP B 154 -27.22 2.77 21.03
N ASN B 155 -28.04 1.78 20.86
CA ASN B 155 -27.97 0.60 21.72
C ASN B 155 -27.82 -0.70 20.94
N GLN B 156 -28.28 -0.75 19.69
CA GLN B 156 -28.10 -1.90 18.83
C GLN B 156 -27.18 -1.52 17.67
N ILE B 157 -26.28 -2.42 17.33
CA ILE B 157 -25.30 -2.18 16.28
C ILE B 157 -25.24 -3.38 15.36
N VAL B 158 -25.19 -3.14 14.05
CA VAL B 158 -25.04 -4.19 13.06
C VAL B 158 -23.58 -4.23 12.63
N THR B 159 -22.98 -5.41 12.71
CA THR B 159 -21.58 -5.59 12.38
C THR B 159 -21.45 -6.73 11.38
N SER B 160 -20.72 -6.49 10.30
CA SER B 160 -20.43 -7.50 9.31
C SER B 160 -18.99 -7.97 9.50
N SER B 161 -18.78 -9.28 9.39
CA SER B 161 -17.49 -9.86 9.74
C SER B 161 -17.02 -10.81 8.64
N GLY B 162 -15.79 -11.28 8.81
CA GLY B 162 -15.19 -12.28 7.97
C GLY B 162 -15.62 -13.70 8.25
N ASP B 163 -16.46 -13.91 9.25
CA ASP B 163 -17.03 -15.22 9.51
C ASP B 163 -18.19 -15.54 8.58
N THR B 164 -18.33 -14.78 7.50
CA THR B 164 -19.39 -14.89 6.49
C THR B 164 -20.76 -14.56 7.04
N THR B 165 -20.86 -14.04 8.26
CA THR B 165 -22.13 -13.75 8.90
C THR B 165 -22.11 -12.33 9.45
N CYS B 166 -23.27 -11.71 9.46
CA CYS B 166 -23.46 -10.41 10.11
C CYS B 166 -24.20 -10.62 11.43
N ALA B 167 -24.17 -9.60 12.27
CA ALA B 167 -24.74 -9.74 13.59
C ALA B 167 -25.32 -8.42 14.08
N LEU B 168 -26.53 -8.48 14.61
CA LEU B 168 -27.13 -7.37 15.33
C LEU B 168 -26.90 -7.59 16.81
N TRP B 169 -26.14 -6.68 17.43
CA TRP B 169 -25.73 -6.76 18.82
C TRP B 169 -26.53 -5.77 19.65
N ASP B 170 -26.87 -6.19 20.87
CA ASP B 170 -27.40 -5.31 21.90
C ASP B 170 -26.24 -4.86 22.78
N ILE B 171 -25.87 -3.59 22.68
CA ILE B 171 -24.66 -3.09 23.32
C ILE B 171 -24.76 -3.25 24.83
N GLU B 172 -25.93 -2.92 25.41
CA GLU B 172 -26.10 -3.01 26.85
C GLU B 172 -25.87 -4.43 27.35
N THR B 173 -26.54 -5.40 26.73
CA THR B 173 -26.35 -6.79 27.15
C THR B 173 -25.02 -7.34 26.66
N GLY B 174 -24.66 -7.04 25.41
CA GLY B 174 -23.41 -7.52 24.85
C GLY B 174 -23.51 -8.82 24.09
N GLN B 175 -24.71 -9.28 23.75
CA GLN B 175 -24.89 -10.55 23.05
C GLN B 175 -25.39 -10.31 21.64
N GLN B 176 -25.52 -11.41 20.90
CA GLN B 176 -26.07 -11.37 19.55
C GLN B 176 -27.59 -11.36 19.64
N THR B 177 -28.18 -10.18 19.47
CA THR B 177 -29.64 -10.12 19.36
C THR B 177 -30.11 -10.89 18.14
N THR B 178 -29.40 -10.75 17.02
CA THR B 178 -29.75 -11.49 15.82
C THR B 178 -28.47 -11.85 15.07
N THR B 179 -28.52 -12.96 14.34
CA THR B 179 -27.45 -13.33 13.42
C THR B 179 -28.02 -13.40 12.01
N PHE B 180 -27.19 -13.06 11.04
CA PHE B 180 -27.58 -13.04 9.62
C PHE B 180 -26.59 -13.92 8.87
N THR B 181 -27.06 -15.10 8.46
CA THR B 181 -26.23 -16.10 7.84
C THR B 181 -26.69 -16.37 6.42
N GLY B 182 -25.77 -16.81 5.59
CA GLY B 182 -26.11 -17.12 4.21
C GLY B 182 -25.03 -16.73 3.23
N HIS B 183 -24.22 -15.74 3.58
CA HIS B 183 -23.12 -15.35 2.73
C HIS B 183 -22.05 -16.45 2.74
N THR B 184 -21.47 -16.69 1.57
CA THR B 184 -20.46 -17.73 1.43
C THR B 184 -19.04 -17.19 1.65
N GLY B 185 -18.78 -15.95 1.25
CA GLY B 185 -17.48 -15.34 1.43
C GLY B 185 -17.47 -14.33 2.58
N ASP B 186 -16.40 -13.55 2.60
CA ASP B 186 -16.20 -12.55 3.64
C ASP B 186 -17.14 -11.37 3.39
N VAL B 187 -17.94 -11.02 4.39
CA VAL B 187 -18.79 -9.84 4.28
C VAL B 187 -17.95 -8.61 4.56
N MET B 188 -17.90 -7.69 3.60
CA MET B 188 -16.99 -6.57 3.65
C MET B 188 -17.68 -5.22 3.82
N SER B 189 -18.84 -5.04 3.21
CA SER B 189 -19.52 -3.76 3.23
C SER B 189 -20.90 -3.91 3.83
N LEU B 190 -21.41 -2.81 4.36
CA LEU B 190 -22.64 -2.80 5.14
C LEU B 190 -23.28 -1.43 5.02
N SER B 191 -24.56 -1.41 4.66
CA SER B 191 -25.29 -0.15 4.54
C SER B 191 -26.67 -0.34 5.14
N LEU B 192 -27.04 0.56 6.04
CA LEU B 192 -28.38 0.52 6.62
C LEU B 192 -29.35 1.33 5.78
N ALA B 193 -30.59 0.88 5.76
CA ALA B 193 -31.63 1.64 5.11
C ALA B 193 -31.93 2.90 5.91
N PRO B 194 -32.40 3.97 5.25
CA PRO B 194 -32.77 5.17 6.00
C PRO B 194 -33.86 4.94 7.03
N ASP B 195 -34.69 3.92 6.86
CA ASP B 195 -35.73 3.61 7.82
C ASP B 195 -35.30 2.60 8.88
N THR B 196 -34.07 2.09 8.81
CA THR B 196 -33.44 1.22 9.80
C THR B 196 -34.04 -0.19 9.80
N ARG B 197 -35.18 -0.40 9.14
CA ARG B 197 -35.79 -1.72 9.11
C ARG B 197 -34.92 -2.75 8.40
N LEU B 198 -34.36 -2.40 7.24
CA LEU B 198 -33.61 -3.32 6.42
C LEU B 198 -32.16 -2.87 6.30
N PHE B 199 -31.30 -3.79 5.91
CA PHE B 199 -29.92 -3.43 5.61
C PHE B 199 -29.34 -4.41 4.61
N VAL B 200 -28.51 -3.91 3.70
CA VAL B 200 -27.92 -4.72 2.65
C VAL B 200 -26.44 -4.92 2.97
N SER B 201 -25.96 -6.15 2.74
CA SER B 201 -24.59 -6.52 3.03
C SER B 201 -23.95 -7.08 1.76
N GLY B 202 -22.76 -6.58 1.45
CA GLY B 202 -21.98 -7.06 0.32
C GLY B 202 -20.83 -7.92 0.81
N ALA B 203 -20.66 -9.08 0.19
CA ALA B 203 -19.69 -10.06 0.65
C ALA B 203 -18.72 -10.41 -0.47
N CYS B 204 -17.90 -11.42 -0.22
CA CYS B 204 -16.91 -11.91 -1.16
C CYS B 204 -17.40 -13.09 -1.97
N ASP B 205 -18.69 -13.38 -1.93
CA ASP B 205 -19.30 -14.38 -2.80
C ASP B 205 -19.93 -13.77 -4.04
N ALA B 206 -19.54 -12.53 -4.37
CA ALA B 206 -20.08 -11.79 -5.51
C ALA B 206 -21.60 -11.63 -5.39
N SER B 207 -22.10 -11.51 -4.16
CA SER B 207 -23.52 -11.39 -3.92
C SER B 207 -23.76 -10.32 -2.87
N ALA B 208 -24.90 -9.64 -3.00
CA ALA B 208 -25.35 -8.65 -2.04
C ALA B 208 -26.71 -9.10 -1.51
N LYS B 209 -26.84 -9.16 -0.19
CA LYS B 209 -28.02 -9.73 0.43
C LYS B 209 -28.74 -8.66 1.24
N LEU B 210 -30.06 -8.59 1.07
CA LEU B 210 -30.90 -7.70 1.85
C LEU B 210 -31.47 -8.45 3.04
N TRP B 211 -31.19 -7.96 4.24
CA TRP B 211 -31.59 -8.60 5.48
C TRP B 211 -32.61 -7.73 6.21
N ASP B 212 -33.56 -8.38 6.87
CA ASP B 212 -34.51 -7.73 7.74
C ASP B 212 -33.95 -7.74 9.16
N VAL B 213 -33.81 -6.55 9.74
CA VAL B 213 -33.19 -6.43 11.05
C VAL B 213 -34.06 -7.08 12.13
N ARG B 214 -35.35 -6.74 12.13
CA ARG B 214 -36.21 -7.17 13.23
C ARG B 214 -36.68 -8.61 13.07
N GLU B 215 -36.55 -9.18 11.88
CA GLU B 215 -36.98 -10.56 11.64
C GLU B 215 -35.82 -11.51 11.46
N GLY B 216 -34.69 -11.05 10.94
CA GLY B 216 -33.49 -11.87 10.84
C GLY B 216 -33.49 -12.96 9.78
N MET B 217 -33.96 -12.65 8.58
CA MET B 217 -33.77 -13.54 7.45
C MET B 217 -33.50 -12.72 6.19
N CYS B 218 -32.88 -13.38 5.21
CA CYS B 218 -32.51 -12.73 3.95
C CYS B 218 -33.69 -12.74 3.00
N ARG B 219 -34.15 -11.55 2.62
CA ARG B 219 -35.25 -11.42 1.68
C ARG B 219 -34.80 -11.53 0.23
N GLN B 220 -33.70 -10.88 -0.13
CA GLN B 220 -33.30 -10.77 -1.52
C GLN B 220 -31.81 -11.00 -1.66
N THR B 221 -31.41 -11.70 -2.73
CA THR B 221 -30.01 -11.91 -3.06
C THR B 221 -29.76 -11.42 -4.47
N PHE B 222 -28.77 -10.54 -4.63
CA PHE B 222 -28.46 -9.92 -5.90
C PHE B 222 -27.07 -10.36 -6.33
N THR B 223 -26.98 -10.95 -7.51
CA THR B 223 -25.73 -11.51 -8.03
C THR B 223 -25.54 -11.01 -9.46
N GLY B 224 -24.71 -9.98 -9.61
CA GLY B 224 -24.34 -9.52 -10.93
C GLY B 224 -22.86 -9.28 -11.05
N HIS B 225 -22.16 -9.28 -9.92
CA HIS B 225 -20.74 -9.00 -9.91
C HIS B 225 -19.94 -10.25 -10.21
N GLU B 226 -18.83 -10.08 -10.91
CA GLU B 226 -17.96 -11.20 -11.23
C GLU B 226 -16.94 -11.49 -10.13
N SER B 227 -16.83 -10.63 -9.12
CA SER B 227 -15.82 -10.79 -8.10
C SER B 227 -16.39 -10.33 -6.76
N ASP B 228 -15.52 -10.24 -5.76
CA ASP B 228 -15.93 -9.95 -4.40
C ASP B 228 -16.29 -8.48 -4.24
N ILE B 229 -17.42 -8.23 -3.59
CA ILE B 229 -17.91 -6.87 -3.36
C ILE B 229 -17.19 -6.28 -2.15
N ASN B 230 -16.64 -5.09 -2.32
CA ASN B 230 -15.94 -4.38 -1.25
C ASN B 230 -16.75 -3.25 -0.67
N ALA B 231 -17.62 -2.63 -1.45
CA ALA B 231 -18.37 -1.47 -1.02
C ALA B 231 -19.85 -1.67 -1.31
N ILE B 232 -20.68 -1.07 -0.45
CA ILE B 232 -22.12 -1.09 -0.63
C ILE B 232 -22.67 0.22 -0.07
N CYS B 233 -23.73 0.72 -0.70
CA CYS B 233 -24.34 1.97 -0.26
C CYS B 233 -25.79 2.00 -0.68
N PHE B 234 -26.67 2.29 0.27
CA PHE B 234 -28.09 2.36 0.00
C PHE B 234 -28.43 3.64 -0.75
N PHE B 235 -29.34 3.55 -1.71
CA PHE B 235 -29.88 4.73 -2.34
C PHE B 235 -30.65 5.54 -1.31
N PRO B 236 -30.64 6.87 -1.43
CA PRO B 236 -31.39 7.68 -0.46
C PRO B 236 -32.87 7.35 -0.44
N ASN B 237 -33.43 6.90 -1.57
CA ASN B 237 -34.82 6.48 -1.59
C ASN B 237 -35.05 5.29 -0.69
N GLY B 238 -34.12 4.34 -0.70
CA GLY B 238 -34.27 3.10 0.04
C GLY B 238 -34.67 1.91 -0.80
N ASN B 239 -34.90 2.10 -2.10
CA ASN B 239 -35.29 1.02 -2.99
C ASN B 239 -34.18 0.67 -3.99
N ALA B 240 -32.95 1.05 -3.70
CA ALA B 240 -31.83 0.72 -4.58
C ALA B 240 -30.55 0.77 -3.77
N PHE B 241 -29.50 0.16 -4.33
CA PHE B 241 -28.20 0.20 -3.70
C PHE B 241 -27.13 -0.08 -4.74
N ALA B 242 -25.97 0.55 -4.55
CA ALA B 242 -24.84 0.40 -5.45
C ALA B 242 -23.72 -0.33 -4.75
N THR B 243 -23.08 -1.25 -5.48
CA THR B 243 -21.97 -2.02 -4.96
C THR B 243 -20.77 -1.86 -5.88
N GLY B 244 -19.58 -1.93 -5.29
CA GLY B 244 -18.35 -1.90 -6.06
C GLY B 244 -17.56 -3.17 -5.78
N SER B 245 -16.87 -3.66 -6.82
CA SER B 245 -16.17 -4.94 -6.68
C SER B 245 -14.70 -4.79 -7.02
N ASP B 246 -13.94 -5.83 -6.69
CA ASP B 246 -12.59 -5.96 -7.23
C ASP B 246 -12.62 -6.16 -8.74
N ASP B 247 -13.66 -6.81 -9.25
CA ASP B 247 -14.05 -6.58 -10.62
C ASP B 247 -14.28 -5.10 -10.80
N ALA B 248 -13.65 -4.51 -11.81
CA ALA B 248 -13.54 -3.05 -11.89
C ALA B 248 -14.87 -2.43 -12.32
N THR B 249 -15.91 -2.77 -11.56
CA THR B 249 -17.25 -2.32 -11.85
C THR B 249 -17.97 -1.96 -10.54
N CYS B 250 -18.85 -0.97 -10.66
CA CYS B 250 -19.92 -0.75 -9.71
C CYS B 250 -21.24 -1.10 -10.39
N ARG B 251 -22.20 -1.57 -9.62
CA ARG B 251 -23.50 -1.97 -10.15
C ARG B 251 -24.60 -1.43 -9.27
N LEU B 252 -25.68 -0.98 -9.90
CA LEU B 252 -26.86 -0.51 -9.20
C LEU B 252 -27.93 -1.57 -9.25
N PHE B 253 -28.45 -1.94 -8.08
CA PHE B 253 -29.49 -2.94 -7.95
C PHE B 253 -30.73 -2.28 -7.36
N ASP B 254 -31.90 -2.77 -7.75
CA ASP B 254 -33.16 -2.29 -7.20
C ASP B 254 -33.73 -3.41 -6.33
N LEU B 255 -34.29 -3.03 -5.18
CA LEU B 255 -34.91 -4.01 -4.29
C LEU B 255 -36.29 -4.44 -4.78
N ARG B 256 -37.00 -3.57 -5.49
CA ARG B 256 -38.34 -3.87 -5.94
C ARG B 256 -38.39 -4.62 -7.27
N ALA B 257 -37.28 -4.69 -8.00
CA ALA B 257 -37.21 -5.49 -9.21
C ALA B 257 -36.33 -6.72 -9.08
N ASP B 258 -35.58 -6.83 -7.99
CA ASP B 258 -34.70 -7.99 -7.74
C ASP B 258 -33.70 -8.16 -8.88
N GLN B 259 -33.20 -7.05 -9.41
CA GLN B 259 -32.40 -7.12 -10.62
C GLN B 259 -31.54 -5.88 -10.72
N GLU B 260 -30.35 -6.04 -11.30
CA GLU B 260 -29.48 -4.91 -11.52
C GLU B 260 -30.06 -4.00 -12.60
N LEU B 261 -29.85 -2.69 -12.43
CA LEU B 261 -30.34 -1.71 -13.38
C LEU B 261 -29.25 -1.17 -14.29
N MET B 262 -28.09 -0.83 -13.76
CA MET B 262 -27.02 -0.28 -14.58
C MET B 262 -25.68 -0.72 -14.00
N THR B 263 -24.69 -0.83 -14.89
CA THR B 263 -23.34 -1.30 -14.53
C THR B 263 -22.33 -0.23 -14.90
N TYR B 264 -21.97 0.59 -13.91
CA TYR B 264 -20.96 1.63 -14.09
C TYR B 264 -19.58 0.98 -14.20
N SER B 265 -19.00 1.02 -15.40
CA SER B 265 -17.69 0.45 -15.63
C SER B 265 -17.07 1.15 -16.83
N HIS B 266 -15.75 1.00 -16.96
CA HIS B 266 -15.03 1.60 -18.08
C HIS B 266 -13.88 0.69 -18.45
N ASP B 267 -13.45 0.79 -19.72
CA ASP B 267 -12.34 -0.04 -20.18
C ASP B 267 -11.02 0.41 -19.56
N ASN B 268 -10.90 1.69 -19.22
CA ASN B 268 -9.64 2.19 -18.65
C ASN B 268 -9.48 1.77 -17.20
N ILE B 269 -10.57 1.47 -16.50
CA ILE B 269 -10.51 1.15 -15.08
C ILE B 269 -10.24 -0.34 -14.93
N ILE B 270 -9.11 -0.67 -14.30
CA ILE B 270 -8.68 -2.05 -14.11
C ILE B 270 -8.64 -2.34 -12.62
N CYS B 271 -8.41 -1.32 -11.82
CA CYS B 271 -8.37 -1.46 -10.37
C CYS B 271 -9.77 -1.72 -9.82
N GLY B 272 -9.81 -2.36 -8.65
CA GLY B 272 -11.07 -2.64 -8.00
C GLY B 272 -11.58 -1.47 -7.18
N ILE B 273 -12.87 -1.52 -6.87
CA ILE B 273 -13.54 -0.48 -6.10
C ILE B 273 -13.49 -0.86 -4.63
N THR B 274 -13.14 0.11 -3.79
CA THR B 274 -13.07 -0.10 -2.34
C THR B 274 -14.21 0.53 -1.57
N SER B 275 -14.62 1.74 -1.94
CA SER B 275 -15.64 2.46 -1.22
C SER B 275 -16.63 3.07 -2.21
N VAL B 276 -17.88 3.15 -1.79
CA VAL B 276 -18.97 3.62 -2.65
C VAL B 276 -19.94 4.41 -1.79
N SER B 277 -20.36 5.57 -2.29
CA SER B 277 -21.41 6.33 -1.62
C SER B 277 -22.12 7.21 -2.65
N PHE B 278 -23.40 7.42 -2.42
CA PHE B 278 -24.23 8.27 -3.26
C PHE B 278 -24.14 9.72 -2.79
N SER B 279 -24.72 10.61 -3.58
CA SER B 279 -24.88 12.00 -3.20
C SER B 279 -26.16 12.15 -2.40
N LYS B 280 -26.53 13.40 -2.08
CA LYS B 280 -27.75 13.64 -1.32
C LYS B 280 -28.97 13.17 -2.07
N SER B 281 -29.04 13.45 -3.37
CA SER B 281 -30.19 13.11 -4.19
C SER B 281 -30.06 11.78 -4.89
N GLY B 282 -28.91 11.11 -4.77
CA GLY B 282 -28.69 9.87 -5.47
C GLY B 282 -28.29 10.01 -6.91
N ARG B 283 -28.20 11.23 -7.42
CA ARG B 283 -27.82 11.43 -8.81
C ARG B 283 -26.35 11.11 -9.05
N LEU B 284 -25.50 11.37 -8.05
CA LEU B 284 -24.07 11.15 -8.17
C LEU B 284 -23.66 9.95 -7.33
N LEU B 285 -22.90 9.04 -7.94
CA LEU B 285 -22.38 7.87 -7.25
C LEU B 285 -20.86 8.00 -7.17
N LEU B 286 -20.34 8.15 -5.97
CA LEU B 286 -18.91 8.37 -5.76
C LEU B 286 -18.26 7.05 -5.36
N ALA B 287 -17.25 6.65 -6.13
CA ALA B 287 -16.60 5.36 -5.95
C ALA B 287 -15.10 5.56 -5.81
N GLY B 288 -14.51 4.95 -4.78
CA GLY B 288 -13.07 4.99 -4.58
C GLY B 288 -12.42 3.74 -5.15
N TYR B 289 -11.23 3.91 -5.72
CA TYR B 289 -10.56 2.85 -6.45
C TYR B 289 -9.15 2.62 -5.91
N ASP B 290 -8.55 1.53 -6.36
CA ASP B 290 -7.18 1.19 -6.00
C ASP B 290 -6.13 2.01 -6.73
N ASP B 291 -6.52 2.69 -7.81
CA ASP B 291 -5.59 3.46 -8.62
C ASP B 291 -5.30 4.83 -8.03
N PHE B 292 -5.53 5.00 -6.74
CA PHE B 292 -5.28 6.23 -6.00
C PHE B 292 -6.26 7.34 -6.40
N ASN B 293 -7.39 6.97 -6.98
CA ASN B 293 -8.32 7.91 -7.58
C ASN B 293 -9.74 7.61 -7.12
N CYS B 294 -10.61 8.60 -7.26
CA CYS B 294 -12.04 8.42 -7.06
C CYS B 294 -12.78 8.91 -8.29
N ASN B 295 -13.89 8.26 -8.61
CA ASN B 295 -14.70 8.62 -9.76
C ASN B 295 -16.12 8.95 -9.30
N VAL B 296 -16.66 10.05 -9.82
CA VAL B 296 -18.04 10.44 -9.57
C VAL B 296 -18.82 10.14 -10.83
N TRP B 297 -19.67 9.12 -10.77
CA TRP B 297 -20.50 8.68 -11.87
C TRP B 297 -21.88 9.32 -11.79
N ASP B 298 -22.53 9.43 -12.95
CA ASP B 298 -23.95 9.70 -13.01
C ASP B 298 -24.69 8.39 -12.74
N ALA B 299 -25.44 8.34 -11.64
CA ALA B 299 -26.10 7.11 -11.25
C ALA B 299 -27.20 6.69 -12.21
N LEU B 300 -27.61 7.57 -13.12
CA LEU B 300 -28.67 7.27 -14.06
C LEU B 300 -28.16 7.07 -15.49
N LYS B 301 -26.92 7.48 -15.76
CA LYS B 301 -26.42 7.48 -17.13
C LYS B 301 -25.17 6.64 -17.34
N ALA B 302 -24.48 6.24 -16.27
CA ALA B 302 -23.19 5.54 -16.34
C ALA B 302 -22.16 6.38 -17.10
N ASP B 303 -22.10 7.66 -16.76
CA ASP B 303 -21.08 8.55 -17.28
C ASP B 303 -20.17 8.99 -16.15
N ARG B 304 -18.87 9.02 -16.42
CA ARG B 304 -17.91 9.49 -15.43
C ARG B 304 -18.00 11.01 -15.33
N ALA B 305 -18.88 11.49 -14.44
CA ALA B 305 -19.09 12.92 -14.32
C ALA B 305 -17.84 13.64 -13.84
N GLY B 306 -17.04 13.00 -13.00
CA GLY B 306 -15.85 13.68 -12.51
C GLY B 306 -14.84 12.73 -11.92
N VAL B 307 -13.67 13.27 -11.62
CA VAL B 307 -12.57 12.51 -11.03
C VAL B 307 -12.01 13.30 -9.86
N LEU B 308 -11.82 12.63 -8.73
CA LEU B 308 -11.22 13.19 -7.54
C LEU B 308 -9.83 12.58 -7.39
N ALA B 309 -8.79 13.38 -7.60
CA ALA B 309 -7.41 12.90 -7.63
C ALA B 309 -6.58 13.73 -6.66
N GLY B 310 -6.38 13.22 -5.45
CA GLY B 310 -5.51 13.88 -4.52
C GLY B 310 -4.73 12.96 -3.61
N HIS B 311 -4.81 11.65 -3.85
CA HIS B 311 -4.29 10.67 -2.91
C HIS B 311 -3.11 9.94 -3.52
N ASP B 312 -2.05 9.79 -2.73
CA ASP B 312 -0.83 9.11 -3.18
C ASP B 312 -0.90 7.60 -3.05
N ASN B 313 -1.90 7.08 -2.33
CA ASN B 313 -2.05 5.65 -2.11
C ASN B 313 -3.49 5.25 -2.39
N ARG B 314 -3.80 3.98 -2.15
CA ARG B 314 -5.13 3.46 -2.43
C ARG B 314 -6.18 4.24 -1.66
N VAL B 315 -7.26 4.62 -2.33
CA VAL B 315 -8.41 5.19 -1.64
C VAL B 315 -9.15 4.09 -0.92
N SER B 316 -9.24 4.20 0.40
CA SER B 316 -9.82 3.16 1.24
C SER B 316 -11.26 3.40 1.63
N CYS B 317 -11.63 4.66 1.90
CA CYS B 317 -13.00 4.97 2.28
C CYS B 317 -13.39 6.31 1.68
N LEU B 318 -14.69 6.49 1.45
CA LEU B 318 -15.19 7.82 1.14
C LEU B 318 -16.65 7.88 1.56
N GLY B 319 -17.02 8.94 2.24
CA GLY B 319 -18.37 9.11 2.72
C GLY B 319 -18.90 10.50 2.41
N VAL B 320 -20.17 10.56 2.03
CA VAL B 320 -20.85 11.81 1.74
C VAL B 320 -21.62 12.22 2.98
N THR B 321 -21.50 13.48 3.37
CA THR B 321 -22.18 13.97 4.56
C THR B 321 -23.69 13.80 4.44
N ASP B 322 -24.36 13.88 5.59
CA ASP B 322 -25.81 13.71 5.61
C ASP B 322 -26.51 14.78 4.78
N ASP B 323 -26.02 16.01 4.83
CA ASP B 323 -26.60 17.10 4.06
C ASP B 323 -26.04 17.19 2.64
N GLY B 324 -25.09 16.33 2.28
CA GLY B 324 -24.50 16.37 0.95
C GLY B 324 -23.53 17.50 0.74
N MET B 325 -23.09 18.16 1.81
CA MET B 325 -22.22 19.32 1.68
C MET B 325 -20.89 18.96 1.04
N ALA B 326 -20.27 17.88 1.51
CA ALA B 326 -18.95 17.52 1.04
C ALA B 326 -18.78 16.02 1.12
N VAL B 327 -17.82 15.51 0.36
CA VAL B 327 -17.47 14.10 0.37
C VAL B 327 -16.06 13.97 0.91
N ALA B 328 -15.89 13.18 1.95
CA ALA B 328 -14.58 13.02 2.57
C ALA B 328 -14.01 11.65 2.20
N THR B 329 -12.81 11.66 1.66
CA THR B 329 -12.14 10.47 1.15
C THR B 329 -10.87 10.24 1.98
N GLY B 330 -10.77 9.08 2.60
CA GLY B 330 -9.60 8.69 3.37
C GLY B 330 -8.84 7.60 2.64
N SER B 331 -7.52 7.76 2.57
CA SER B 331 -6.70 6.87 1.77
C SER B 331 -5.56 6.31 2.61
N TRP B 332 -4.82 5.38 2.01
CA TRP B 332 -3.71 4.73 2.67
C TRP B 332 -2.49 5.62 2.82
N ASP B 333 -2.52 6.83 2.27
CA ASP B 333 -1.45 7.80 2.44
C ASP B 333 -1.53 8.54 3.77
N SER B 334 -2.27 7.98 4.73
CA SER B 334 -2.44 8.54 6.06
C SER B 334 -3.21 9.85 6.05
N PHE B 335 -4.01 10.10 5.02
CA PHE B 335 -4.65 11.39 4.83
C PHE B 335 -6.13 11.23 4.48
N LEU B 336 -6.92 12.17 4.99
CA LEU B 336 -8.32 12.35 4.61
C LEU B 336 -8.46 13.71 3.96
N LYS B 337 -9.16 13.75 2.83
CA LYS B 337 -9.42 14.98 2.10
C LYS B 337 -10.93 15.20 1.99
N ILE B 338 -11.37 16.41 2.32
CA ILE B 338 -12.76 16.80 2.16
C ILE B 338 -12.88 17.52 0.82
N TRP B 339 -13.80 17.07 -0.03
CA TRP B 339 -13.99 17.62 -1.36
C TRP B 339 -15.36 18.27 -1.46
N ASN B 340 -15.41 19.41 -2.12
CA ASN B 340 -16.66 20.11 -2.36
C ASN B 340 -16.56 20.86 -3.68
N GLY B 341 -17.73 21.16 -4.25
CA GLY B 341 -17.82 21.86 -5.52
C GLY B 341 -18.13 23.33 -5.33
N SER B 342 -17.54 24.16 -6.18
CA SER B 342 -17.73 25.60 -6.15
C SER B 342 -18.56 26.04 -7.34
N SER B 343 -19.54 26.90 -7.09
CA SER B 343 -20.42 27.40 -8.14
C SER B 343 -19.65 28.30 -9.11
N THR C 6 -25.54 -36.23 7.04
CA THR C 6 -26.66 -35.52 6.46
C THR C 6 -26.51 -34.01 6.65
N ALA C 7 -25.31 -33.59 7.06
CA ALA C 7 -25.05 -32.16 7.24
C ALA C 7 -25.14 -31.42 5.92
N SER C 8 -24.56 -32.00 4.86
CA SER C 8 -24.69 -31.40 3.54
C SER C 8 -26.14 -31.36 3.08
N ILE C 9 -26.92 -32.39 3.42
CA ILE C 9 -28.34 -32.39 3.08
C ILE C 9 -29.05 -31.25 3.81
N ALA C 10 -28.72 -31.03 5.08
CA ALA C 10 -29.34 -29.94 5.82
C ALA C 10 -28.96 -28.58 5.25
N GLN C 11 -27.69 -28.41 4.86
CA GLN C 11 -27.27 -27.16 4.25
C GLN C 11 -27.98 -26.92 2.92
N ALA C 12 -28.10 -27.97 2.10
CA ALA C 12 -28.81 -27.85 0.84
C ALA C 12 -30.29 -27.53 1.07
N ARG C 13 -30.89 -28.13 2.10
CA ARG C 13 -32.28 -27.84 2.41
C ARG C 13 -32.46 -26.38 2.83
N LYS C 14 -31.53 -25.87 3.62
CA LYS C 14 -31.60 -24.46 4.00
C LYS C 14 -31.44 -23.55 2.79
N LEU C 15 -30.52 -23.90 1.88
CA LEU C 15 -30.37 -23.12 0.66
C LEU C 15 -31.62 -23.15 -0.19
N VAL C 16 -32.26 -24.32 -0.29
CA VAL C 16 -33.49 -24.45 -1.07
C VAL C 16 -34.61 -23.62 -0.42
N GLU C 17 -34.70 -23.64 0.90
CA GLU C 17 -35.72 -22.86 1.59
C GLU C 17 -35.50 -21.37 1.35
N GLN C 18 -34.24 -20.92 1.41
CA GLN C 18 -33.95 -19.52 1.13
C GLN C 18 -34.32 -19.17 -0.30
N LEU C 19 -34.02 -20.06 -1.25
CA LEU C 19 -34.37 -19.81 -2.64
C LEU C 19 -35.88 -19.73 -2.82
N LYS C 20 -36.63 -20.57 -2.10
CA LYS C 20 -38.08 -20.52 -2.18
C LYS C 20 -38.63 -19.22 -1.62
N MET C 21 -38.09 -18.77 -0.48
CA MET C 21 -38.51 -17.47 0.05
C MET C 21 -38.13 -16.34 -0.90
N GLU C 22 -37.03 -16.52 -1.64
CA GLU C 22 -36.60 -15.52 -2.60
C GLU C 22 -37.53 -15.45 -3.80
N ALA C 23 -37.97 -16.61 -4.29
CA ALA C 23 -38.68 -16.66 -5.57
C ALA C 23 -40.06 -16.04 -5.47
N ASN C 24 -40.82 -16.41 -4.44
CA ASN C 24 -42.22 -16.02 -4.34
C ASN C 24 -42.35 -14.68 -3.61
N ILE C 25 -41.86 -13.63 -4.27
CA ILE C 25 -42.05 -12.26 -3.82
C ILE C 25 -42.44 -11.41 -5.01
N ASP C 26 -43.11 -10.30 -4.73
CA ASP C 26 -43.54 -9.39 -5.79
C ASP C 26 -42.35 -8.65 -6.37
N ARG C 27 -42.29 -8.55 -7.70
CA ARG C 27 -41.19 -7.92 -8.39
C ARG C 27 -41.77 -6.86 -9.32
N ILE C 28 -41.52 -5.59 -9.01
CA ILE C 28 -41.98 -4.51 -9.88
C ILE C 28 -41.16 -4.47 -11.15
N LYS C 29 -41.75 -3.94 -12.21
CA LYS C 29 -41.08 -3.90 -13.50
C LYS C 29 -39.90 -2.94 -13.46
N VAL C 30 -38.92 -3.21 -14.32
CA VAL C 30 -37.73 -2.36 -14.38
C VAL C 30 -38.11 -0.95 -14.84
N SER C 31 -39.13 -0.82 -15.68
CA SER C 31 -39.57 0.49 -16.13
C SER C 31 -40.04 1.35 -14.96
N LYS C 32 -40.84 0.76 -14.07
CA LYS C 32 -41.33 1.50 -12.92
C LYS C 32 -40.20 1.87 -11.98
N ALA C 33 -39.24 0.97 -11.79
CA ALA C 33 -38.07 1.26 -10.97
C ALA C 33 -37.28 2.43 -11.55
N ALA C 34 -37.07 2.43 -12.86
CA ALA C 34 -36.35 3.51 -13.52
C ALA C 34 -37.09 4.82 -13.34
N ALA C 35 -38.42 4.80 -13.50
CA ALA C 35 -39.19 6.02 -13.34
C ALA C 35 -39.11 6.55 -11.93
N ASP C 36 -39.19 5.65 -10.93
CA ASP C 36 -39.13 6.10 -9.54
C ASP C 36 -37.76 6.66 -9.18
N LEU C 37 -36.69 6.00 -9.65
CA LEU C 37 -35.35 6.53 -9.39
C LEU C 37 -35.15 7.88 -10.05
N MET C 38 -35.62 8.04 -11.29
CA MET C 38 -35.53 9.33 -11.95
C MET C 38 -36.33 10.39 -11.21
N ALA C 39 -37.52 10.04 -10.73
CA ALA C 39 -38.34 10.99 -10.00
C ALA C 39 -37.65 11.44 -8.72
N TYR C 40 -37.06 10.49 -7.97
CA TYR C 40 -36.36 10.86 -6.75
C TYR C 40 -35.13 11.73 -7.06
N CYS C 41 -34.40 11.40 -8.12
CA CYS C 41 -33.22 12.18 -8.48
C CYS C 41 -33.61 13.60 -8.88
N GLU C 42 -34.69 13.75 -9.64
CA GLU C 42 -35.09 15.06 -10.12
C GLU C 42 -35.69 15.91 -9.00
N ALA C 43 -36.47 15.28 -8.10
CA ALA C 43 -37.13 16.03 -7.05
C ALA C 43 -36.12 16.67 -6.11
N HIS C 44 -35.02 15.96 -5.81
CA HIS C 44 -34.03 16.42 -4.85
C HIS C 44 -32.77 16.97 -5.50
N ALA C 45 -32.83 17.28 -6.80
CA ALA C 45 -31.66 17.85 -7.46
C ALA C 45 -31.35 19.24 -6.93
N LYS C 46 -32.36 19.99 -6.50
CA LYS C 46 -32.13 21.31 -5.94
C LYS C 46 -31.43 21.23 -4.59
N GLU C 47 -31.67 20.16 -3.84
CA GLU C 47 -31.10 19.98 -2.51
C GLU C 47 -29.79 19.22 -2.51
N ASP C 48 -29.22 18.93 -3.68
CA ASP C 48 -27.94 18.23 -3.75
C ASP C 48 -26.82 19.25 -3.87
N PRO C 49 -25.99 19.42 -2.84
CA PRO C 49 -24.91 20.42 -2.92
C PRO C 49 -23.76 19.98 -3.81
N LEU C 50 -23.56 18.67 -3.96
CA LEU C 50 -22.54 18.19 -4.88
C LEU C 50 -22.97 18.32 -6.32
N LEU C 51 -24.23 18.01 -6.63
CA LEU C 51 -24.72 18.13 -8.00
C LEU C 51 -24.86 19.58 -8.40
N THR C 52 -25.44 20.40 -7.55
CA THR C 52 -25.55 21.85 -7.77
C THR C 52 -24.73 22.54 -6.70
N PRO C 53 -23.52 23.00 -7.01
CA PRO C 53 -22.65 23.58 -5.98
C PRO C 53 -23.29 24.78 -5.29
N VAL C 54 -23.34 24.71 -3.97
CA VAL C 54 -23.91 25.73 -3.11
C VAL C 54 -22.98 26.95 -3.12
N PRO C 55 -23.50 28.17 -3.07
CA PRO C 55 -22.63 29.36 -3.06
C PRO C 55 -21.64 29.34 -1.90
N ALA C 56 -20.63 30.21 -2.03
CA ALA C 56 -19.57 30.26 -1.03
C ALA C 56 -20.10 30.70 0.34
N SER C 57 -21.10 31.57 0.36
CA SER C 57 -21.63 32.06 1.62
C SER C 57 -22.23 30.92 2.44
N GLU C 58 -22.92 29.99 1.79
CA GLU C 58 -23.57 28.87 2.46
C GLU C 58 -22.74 27.59 2.39
N ASN C 59 -21.45 27.69 2.08
CA ASN C 59 -20.56 26.54 2.05
C ASN C 59 -19.65 26.56 3.27
N PRO C 60 -19.85 25.65 4.24
CA PRO C 60 -18.96 25.64 5.41
C PRO C 60 -17.53 25.26 5.08
N PHE C 61 -17.31 24.51 4.00
CA PHE C 61 -15.97 24.14 3.56
C PHE C 61 -15.49 25.08 2.46
N ARG C 62 -15.36 26.36 2.80
CA ARG C 62 -14.90 27.37 1.85
C ARG C 62 -14.30 28.57 2.57
N GLN D 2 -24.64 -14.33 -12.48
CA GLN D 2 -24.09 -15.15 -11.41
C GLN D 2 -22.88 -15.95 -11.89
N VAL D 3 -21.87 -16.05 -11.03
CA VAL D 3 -20.64 -16.77 -11.38
C VAL D 3 -20.89 -18.27 -11.28
N GLN D 4 -20.61 -18.99 -12.35
CA GLN D 4 -20.72 -20.44 -12.37
C GLN D 4 -19.52 -21.04 -13.06
N LEU D 5 -18.97 -22.10 -12.47
CA LEU D 5 -17.86 -22.86 -13.04
C LEU D 5 -18.23 -24.34 -12.97
N GLN D 6 -18.94 -24.83 -13.98
CA GLN D 6 -19.43 -26.20 -13.97
C GLN D 6 -18.39 -27.10 -14.65
N GLU D 7 -17.78 -27.97 -13.86
CA GLU D 7 -16.80 -28.91 -14.36
C GLU D 7 -17.50 -30.06 -15.09
N SER D 8 -16.73 -30.79 -15.88
CA SER D 8 -17.24 -31.94 -16.60
C SER D 8 -16.14 -32.99 -16.71
N GLY D 9 -16.49 -34.13 -17.30
CA GLY D 9 -15.54 -35.21 -17.40
C GLY D 9 -15.42 -35.96 -16.08
N GLY D 10 -14.43 -36.84 -16.04
CA GLY D 10 -14.14 -37.57 -14.82
C GLY D 10 -14.92 -38.86 -14.71
N GLY D 11 -14.24 -39.94 -14.34
CA GLY D 11 -14.91 -41.21 -14.18
C GLY D 11 -13.91 -42.28 -13.78
N LEU D 12 -14.35 -43.53 -13.91
CA LEU D 12 -13.48 -44.67 -13.64
C LEU D 12 -12.51 -44.84 -14.79
N VAL D 13 -11.22 -44.70 -14.51
CA VAL D 13 -10.16 -44.85 -15.49
C VAL D 13 -9.14 -45.84 -14.97
N GLN D 14 -8.72 -46.76 -15.84
CA GLN D 14 -7.64 -47.65 -15.50
C GLN D 14 -6.32 -46.87 -15.42
N PRO D 15 -5.35 -47.36 -14.64
CA PRO D 15 -4.08 -46.62 -14.51
C PRO D 15 -3.38 -46.47 -15.84
N GLY D 16 -2.76 -45.33 -16.04
CA GLY D 16 -2.09 -45.01 -17.29
C GLY D 16 -2.98 -44.40 -18.35
N GLY D 17 -4.28 -44.27 -18.09
CA GLY D 17 -5.20 -43.72 -19.07
C GLY D 17 -5.11 -42.22 -19.17
N SER D 18 -5.98 -41.67 -20.02
CA SER D 18 -6.02 -40.24 -20.28
C SER D 18 -7.46 -39.74 -20.16
N LEU D 19 -7.63 -38.57 -19.55
CA LEU D 19 -8.91 -37.91 -19.42
C LEU D 19 -8.77 -36.47 -19.89
N ARG D 20 -9.91 -35.78 -19.98
CA ARG D 20 -9.91 -34.36 -20.32
C ARG D 20 -11.08 -33.72 -19.60
N LEU D 21 -10.79 -33.08 -18.47
CA LEU D 21 -11.81 -32.36 -17.73
C LEU D 21 -12.02 -30.99 -18.34
N SER D 22 -13.27 -30.65 -18.61
CA SER D 22 -13.63 -29.36 -19.20
C SER D 22 -14.55 -28.62 -18.26
N CYS D 23 -14.13 -27.45 -17.82
CA CYS D 23 -14.91 -26.59 -16.95
C CYS D 23 -15.50 -25.46 -17.78
N ALA D 24 -16.82 -25.42 -17.87
CA ALA D 24 -17.53 -24.36 -18.55
C ALA D 24 -17.79 -23.23 -17.56
N ALA D 25 -17.37 -22.02 -17.92
CA ALA D 25 -17.48 -20.85 -17.05
C ALA D 25 -18.51 -19.89 -17.62
N SER D 26 -19.42 -19.44 -16.77
CA SER D 26 -20.43 -18.47 -17.15
C SER D 26 -20.55 -17.41 -16.07
N GLY D 27 -20.98 -16.22 -16.48
CA GLY D 27 -21.23 -15.15 -15.55
C GLY D 27 -20.09 -14.16 -15.38
N PHE D 28 -18.90 -14.49 -15.87
CA PHE D 28 -17.79 -13.56 -15.81
C PHE D 28 -16.98 -13.64 -17.10
N THR D 29 -16.25 -12.57 -17.38
CA THR D 29 -15.36 -12.53 -18.53
C THR D 29 -14.20 -13.48 -18.29
N PHE D 30 -14.14 -14.55 -19.09
CA PHE D 30 -13.15 -15.60 -18.85
C PHE D 30 -11.72 -15.08 -19.05
N SER D 31 -11.52 -14.21 -20.04
CA SER D 31 -10.17 -13.83 -20.42
C SER D 31 -9.48 -13.05 -19.31
N ASN D 32 -10.23 -12.28 -18.53
CA ASN D 32 -9.63 -11.38 -17.55
C ASN D 32 -9.17 -12.10 -16.28
N TYR D 33 -9.47 -13.38 -16.12
CA TYR D 33 -9.26 -14.08 -14.86
C TYR D 33 -8.29 -15.25 -15.06
N LYS D 34 -7.25 -15.27 -14.25
CA LYS D 34 -6.36 -16.43 -14.18
C LYS D 34 -7.11 -17.58 -13.52
N MET D 35 -6.90 -18.79 -14.03
CA MET D 35 -7.66 -19.94 -13.54
C MET D 35 -6.71 -21.03 -13.04
N ASN D 36 -7.22 -21.91 -12.18
CA ASN D 36 -6.39 -22.98 -11.63
C ASN D 36 -7.14 -24.26 -11.21
N TRP D 37 -6.70 -25.42 -11.71
CA TRP D 37 -7.31 -26.71 -11.41
C TRP D 37 -6.75 -27.16 -10.07
N VAL D 38 -7.65 -27.44 -9.13
CA VAL D 38 -7.27 -27.91 -7.80
C VAL D 38 -8.05 -29.18 -7.48
N ARG D 39 -7.40 -30.12 -6.81
CA ARG D 39 -7.99 -31.41 -6.55
C ARG D 39 -8.01 -31.68 -5.06
N GLN D 40 -9.01 -32.45 -4.63
CA GLN D 40 -9.14 -32.88 -3.24
C GLN D 40 -9.25 -34.40 -3.24
N ALA D 41 -8.21 -35.06 -2.77
CA ALA D 41 -8.23 -36.51 -2.67
C ALA D 41 -9.04 -36.94 -1.46
N PRO D 42 -9.60 -38.15 -1.47
CA PRO D 42 -10.35 -38.63 -0.30
C PRO D 42 -9.47 -38.62 0.94
N GLY D 43 -10.03 -38.13 2.04
CA GLY D 43 -9.27 -38.01 3.28
C GLY D 43 -8.07 -37.10 3.18
N LYS D 44 -8.22 -35.95 2.55
CA LYS D 44 -7.11 -35.02 2.36
C LYS D 44 -7.67 -33.63 2.12
N GLY D 45 -6.78 -32.65 2.17
CA GLY D 45 -7.16 -31.28 1.89
C GLY D 45 -7.05 -30.92 0.43
N LEU D 46 -7.48 -29.70 0.11
CA LEU D 46 -7.44 -29.24 -1.26
C LEU D 46 -6.03 -28.89 -1.68
N GLU D 47 -5.61 -29.43 -2.82
CA GLU D 47 -4.24 -29.27 -3.32
C GLU D 47 -4.28 -28.67 -4.71
N TRP D 48 -3.48 -27.64 -4.92
CA TRP D 48 -3.42 -26.95 -6.20
C TRP D 48 -2.67 -27.81 -7.21
N VAL D 49 -3.28 -28.00 -8.37
CA VAL D 49 -2.72 -28.86 -9.41
C VAL D 49 -2.07 -28.06 -10.53
N SER D 50 -2.81 -27.12 -11.13
CA SER D 50 -2.27 -26.39 -12.27
C SER D 50 -2.88 -25.01 -12.31
N ASP D 51 -2.23 -24.12 -13.07
CA ASP D 51 -2.77 -22.79 -13.25
C ASP D 51 -2.40 -22.23 -14.63
N ILE D 52 -3.32 -21.43 -15.17
CA ILE D 52 -3.22 -20.78 -16.46
C ILE D 52 -3.42 -19.29 -16.27
N SER D 53 -2.56 -18.49 -16.90
CA SER D 53 -2.68 -17.06 -16.89
C SER D 53 -3.86 -16.62 -17.77
N GLN D 54 -3.98 -15.30 -17.94
CA GLN D 54 -5.13 -14.74 -18.62
C GLN D 54 -5.16 -15.07 -20.11
N SER D 55 -4.01 -15.41 -20.70
CA SER D 55 -3.95 -15.75 -22.11
C SER D 55 -3.32 -17.12 -22.30
N GLY D 56 -2.32 -17.44 -21.48
CA GLY D 56 -1.65 -18.72 -21.56
C GLY D 56 -0.15 -18.59 -21.45
N ALA D 57 0.33 -17.36 -21.29
CA ALA D 57 1.77 -17.12 -21.20
C ALA D 57 2.37 -17.79 -19.97
N SER D 58 1.69 -17.69 -18.84
CA SER D 58 2.17 -18.27 -17.58
C SER D 58 1.33 -19.50 -17.28
N ILE D 59 1.95 -20.67 -17.42
CA ILE D 59 1.32 -21.95 -17.12
C ILE D 59 2.18 -22.65 -16.09
N SER D 60 1.58 -23.10 -14.99
CA SER D 60 2.33 -23.78 -13.95
C SER D 60 1.63 -25.06 -13.53
N TYR D 61 2.41 -26.03 -13.08
CA TYR D 61 1.92 -27.30 -12.58
C TYR D 61 2.63 -27.65 -11.29
N THR D 62 1.93 -28.38 -10.43
CA THR D 62 2.59 -28.96 -9.28
C THR D 62 3.50 -30.10 -9.73
N GLY D 63 4.50 -30.40 -8.91
CA GLY D 63 5.50 -31.37 -9.31
C GLY D 63 4.92 -32.75 -9.53
N SER D 64 3.92 -33.14 -8.73
CA SER D 64 3.39 -34.49 -8.80
C SER D 64 2.69 -34.78 -10.12
N VAL D 65 2.31 -33.75 -10.86
CA VAL D 65 1.58 -33.91 -12.11
C VAL D 65 2.32 -33.30 -13.29
N LYS D 66 3.51 -32.74 -13.08
CA LYS D 66 4.26 -32.13 -14.17
C LYS D 66 4.55 -33.16 -15.25
N GLY D 67 4.29 -32.79 -16.49
CA GLY D 67 4.43 -33.68 -17.63
C GLY D 67 3.21 -34.53 -17.90
N ARG D 68 2.58 -35.04 -16.85
CA ARG D 68 1.40 -35.87 -17.04
C ARG D 68 0.19 -35.02 -17.48
N PHE D 69 -0.04 -33.91 -16.81
CA PHE D 69 -1.22 -33.08 -17.06
C PHE D 69 -0.83 -31.88 -17.92
N THR D 70 -1.71 -31.50 -18.84
CA THR D 70 -1.53 -30.31 -19.66
C THR D 70 -2.81 -29.50 -19.60
N ILE D 71 -2.72 -28.25 -19.18
CA ILE D 71 -3.89 -27.42 -18.92
C ILE D 71 -3.93 -26.31 -19.95
N SER D 72 -5.12 -26.06 -20.50
CA SER D 72 -5.31 -25.07 -21.55
C SER D 72 -6.61 -24.31 -21.29
N ARG D 73 -6.74 -23.17 -21.95
CA ARG D 73 -7.89 -22.30 -21.78
C ARG D 73 -8.41 -21.89 -23.15
N ASP D 74 -9.71 -22.05 -23.38
CA ASP D 74 -10.36 -21.58 -24.60
C ASP D 74 -11.23 -20.39 -24.20
N ASN D 75 -10.73 -19.19 -24.48
CA ASN D 75 -11.43 -17.98 -24.08
C ASN D 75 -12.70 -17.77 -24.88
N ALA D 76 -12.69 -18.14 -26.17
CA ALA D 76 -13.86 -17.93 -27.00
C ALA D 76 -15.07 -18.71 -26.50
N LYS D 77 -14.84 -19.95 -26.07
CA LYS D 77 -15.90 -20.77 -25.52
C LYS D 77 -16.05 -20.59 -24.01
N ASN D 78 -15.19 -19.79 -23.39
CA ASN D 78 -15.19 -19.58 -21.94
C ASN D 78 -15.06 -20.90 -21.19
N THR D 79 -14.10 -21.72 -21.61
CA THR D 79 -13.88 -23.03 -21.01
C THR D 79 -12.43 -23.21 -20.63
N LEU D 80 -12.19 -24.09 -19.65
CA LEU D 80 -10.85 -24.42 -19.21
C LEU D 80 -10.71 -25.93 -19.19
N TYR D 81 -9.72 -26.45 -19.92
CA TYR D 81 -9.50 -27.89 -20.01
C TYR D 81 -8.24 -28.27 -19.24
N LEU D 82 -8.28 -29.45 -18.63
CA LEU D 82 -7.08 -30.11 -18.12
C LEU D 82 -7.04 -31.52 -18.66
N GLN D 83 -5.95 -31.85 -19.34
CA GLN D 83 -5.76 -33.15 -19.97
C GLN D 83 -4.87 -34.00 -19.07
N MET D 84 -5.41 -35.13 -18.62
CA MET D 84 -4.68 -36.06 -17.78
C MET D 84 -4.10 -37.16 -18.66
N ASN D 85 -2.80 -37.39 -18.53
CA ASN D 85 -2.12 -38.45 -19.28
C ASN D 85 -1.33 -39.30 -18.31
N SER D 86 -1.38 -40.62 -18.53
CA SER D 86 -0.69 -41.59 -17.68
C SER D 86 -1.11 -41.42 -16.22
N LEU D 87 -2.39 -41.66 -15.98
CA LEU D 87 -2.94 -41.49 -14.65
C LEU D 87 -2.36 -42.50 -13.68
N LYS D 88 -2.26 -42.09 -12.42
CA LYS D 88 -1.76 -42.90 -11.32
C LYS D 88 -2.81 -42.92 -10.22
N PRO D 89 -2.85 -43.99 -9.40
CA PRO D 89 -3.95 -44.10 -8.44
C PRO D 89 -3.93 -43.03 -7.36
N GLU D 90 -2.84 -42.31 -7.20
CA GLU D 90 -2.83 -41.19 -6.27
C GLU D 90 -3.63 -40.00 -6.77
N ASP D 91 -4.09 -40.02 -8.02
CA ASP D 91 -4.84 -38.92 -8.60
C ASP D 91 -6.34 -39.05 -8.40
N THR D 92 -6.83 -40.11 -7.75
CA THR D 92 -8.26 -40.20 -7.49
C THR D 92 -8.68 -39.05 -6.59
N ALA D 93 -9.45 -38.11 -7.12
CA ALA D 93 -9.77 -36.90 -6.37
C ALA D 93 -10.98 -36.24 -7.01
N VAL D 94 -11.53 -35.26 -6.31
CA VAL D 94 -12.54 -34.37 -6.86
C VAL D 94 -11.80 -33.15 -7.40
N TYR D 95 -12.02 -32.85 -8.68
CA TYR D 95 -11.31 -31.78 -9.36
C TYR D 95 -12.24 -30.59 -9.54
N TYR D 96 -11.74 -29.40 -9.17
CA TYR D 96 -12.49 -28.16 -9.25
C TYR D 96 -11.69 -27.14 -10.03
N CYS D 97 -12.40 -26.36 -10.84
CA CYS D 97 -11.81 -25.24 -11.58
C CYS D 97 -11.99 -23.99 -10.73
N ALA D 98 -10.93 -23.62 -10.03
CA ALA D 98 -10.95 -22.48 -9.12
C ALA D 98 -10.47 -21.25 -9.86
N ARG D 99 -11.33 -20.24 -9.95
CA ARG D 99 -10.96 -18.97 -10.56
C ARG D 99 -10.30 -18.08 -9.52
N CYS D 100 -9.25 -17.37 -9.95
CA CYS D 100 -8.58 -16.44 -9.06
C CYS D 100 -9.53 -15.28 -8.72
N PRO D 101 -9.55 -14.84 -7.47
CA PRO D 101 -10.62 -13.93 -7.02
C PRO D 101 -10.70 -12.64 -7.80
N ALA D 102 -9.58 -12.07 -8.18
CA ALA D 102 -9.63 -10.76 -8.80
C ALA D 102 -9.21 -10.83 -10.25
N PRO D 103 -9.79 -9.99 -11.10
CA PRO D 103 -9.32 -9.91 -12.48
C PRO D 103 -8.06 -9.09 -12.59
N PHE D 104 -7.28 -9.39 -13.62
CA PHE D 104 -6.06 -8.64 -13.93
C PHE D 104 -5.08 -8.67 -12.76
N THR D 105 -4.64 -9.87 -12.41
CA THR D 105 -3.64 -10.03 -11.37
C THR D 105 -2.96 -11.39 -11.52
N ARG D 106 -1.92 -11.59 -10.72
CA ARG D 106 -1.14 -12.82 -10.76
C ARG D 106 -1.08 -13.54 -9.42
N ASP D 107 -1.63 -12.97 -8.35
CA ASP D 107 -1.67 -13.59 -7.04
C ASP D 107 -3.06 -14.19 -6.82
N CYS D 108 -3.12 -15.48 -6.51
CA CYS D 108 -4.37 -16.17 -6.26
C CYS D 108 -4.32 -16.74 -4.85
N PHE D 109 -5.06 -16.11 -3.93
CA PHE D 109 -5.01 -16.49 -2.52
C PHE D 109 -6.01 -17.58 -2.14
N ASP D 110 -7.30 -17.31 -2.29
CA ASP D 110 -8.30 -18.13 -1.64
C ASP D 110 -8.56 -19.43 -2.37
N VAL D 111 -7.88 -19.67 -3.49
CA VAL D 111 -7.93 -20.97 -4.12
C VAL D 111 -7.39 -22.00 -3.14
N THR D 112 -7.97 -23.20 -3.16
CA THR D 112 -7.66 -24.31 -2.26
C THR D 112 -8.10 -24.05 -0.82
N SER D 113 -8.91 -23.03 -0.58
CA SER D 113 -9.48 -22.84 0.74
C SER D 113 -10.68 -23.76 0.93
N THR D 114 -11.06 -23.94 2.19
CA THR D 114 -12.14 -24.89 2.50
C THR D 114 -13.46 -24.47 1.87
N THR D 115 -13.76 -23.18 1.90
CA THR D 115 -14.99 -22.64 1.31
C THR D 115 -14.59 -21.49 0.40
N TYR D 116 -14.53 -21.76 -0.90
CA TYR D 116 -14.17 -20.76 -1.90
C TYR D 116 -15.36 -20.53 -2.82
N ALA D 117 -15.66 -19.27 -3.09
CA ALA D 117 -16.87 -18.90 -3.82
C ALA D 117 -16.71 -18.96 -5.33
N TYR D 118 -15.49 -19.10 -5.85
CA TYR D 118 -15.24 -19.07 -7.28
C TYR D 118 -14.66 -20.39 -7.76
N ARG D 119 -15.20 -21.49 -7.25
CA ARG D 119 -14.91 -22.82 -7.78
C ARG D 119 -16.23 -23.57 -7.92
N GLY D 120 -16.22 -24.65 -8.69
CA GLY D 120 -17.40 -25.43 -8.95
C GLY D 120 -17.50 -26.64 -8.04
N GLN D 121 -18.47 -27.50 -8.36
CA GLN D 121 -18.69 -28.70 -7.57
C GLN D 121 -17.62 -29.75 -7.84
N GLY D 122 -17.00 -29.71 -9.00
CA GLY D 122 -15.92 -30.62 -9.35
C GLY D 122 -16.44 -31.93 -9.93
N THR D 123 -15.49 -32.72 -10.43
CA THR D 123 -15.76 -34.05 -10.95
C THR D 123 -14.91 -35.08 -10.21
N GLN D 124 -15.47 -36.27 -10.02
CA GLN D 124 -14.76 -37.34 -9.34
C GLN D 124 -13.97 -38.14 -10.36
N VAL D 125 -12.66 -38.23 -10.17
CA VAL D 125 -11.79 -39.05 -10.99
C VAL D 125 -11.28 -40.18 -10.11
N THR D 126 -11.60 -41.42 -10.48
CA THR D 126 -11.24 -42.61 -9.73
C THR D 126 -10.32 -43.45 -10.60
N VAL D 127 -9.02 -43.34 -10.36
CA VAL D 127 -8.02 -44.07 -11.15
C VAL D 127 -7.75 -45.36 -10.38
N SER D 128 -8.50 -46.41 -10.73
CA SER D 128 -8.36 -47.69 -10.07
C SER D 128 -8.75 -48.79 -11.05
N SER D 129 -8.29 -50.00 -10.74
CA SER D 129 -8.58 -51.16 -11.58
C SER D 129 -9.41 -52.19 -10.83
N ILE E 540 51.53 31.39 -21.90
CA ILE E 540 50.51 30.56 -22.50
C ILE E 540 50.19 31.02 -23.92
N PRO E 541 50.24 30.10 -24.88
CA PRO E 541 49.89 30.46 -26.26
C PRO E 541 48.47 30.97 -26.37
N ILE E 542 48.26 31.93 -27.27
CA ILE E 542 46.93 32.49 -27.49
C ILE E 542 45.98 31.40 -27.98
N GLN E 543 46.47 30.50 -28.83
CA GLN E 543 45.65 29.38 -29.29
C GLN E 543 45.28 28.48 -28.12
N LEU E 544 46.21 28.26 -27.18
CA LEU E 544 45.88 27.47 -26.00
C LEU E 544 44.81 28.14 -25.16
N THR E 545 44.90 29.47 -25.01
CA THR E 545 43.89 30.20 -24.24
C THR E 545 42.53 30.14 -24.91
N VAL E 546 42.48 30.29 -26.23
CA VAL E 546 41.19 30.23 -26.91
C VAL E 546 40.62 28.82 -26.85
N PHE E 547 41.48 27.80 -26.91
CA PHE E 547 41.01 26.42 -26.76
C PHE E 547 40.44 26.20 -25.36
N PHE E 548 41.12 26.71 -24.34
CA PHE E 548 40.61 26.60 -22.98
C PHE E 548 39.27 27.33 -22.82
N MET E 549 39.12 28.50 -23.46
CA MET E 549 37.87 29.23 -23.29
C MET E 549 36.74 28.51 -24.00
N ILE E 550 37.04 27.88 -25.14
CA ILE E 550 36.05 27.02 -25.80
C ILE E 550 35.64 25.88 -24.89
N ILE E 551 36.62 25.23 -24.25
CA ILE E 551 36.31 24.14 -23.32
C ILE E 551 35.38 24.64 -22.22
N TYR E 552 35.74 25.77 -21.59
CA TYR E 552 34.94 26.27 -20.49
C TYR E 552 33.54 26.67 -20.94
N VAL E 553 33.42 27.25 -22.14
CA VAL E 553 32.11 27.64 -22.64
C VAL E 553 31.24 26.40 -22.84
N LEU E 554 31.80 25.35 -23.45
CA LEU E 554 31.03 24.13 -23.63
C LEU E 554 30.62 23.54 -22.28
N GLU E 555 31.55 23.50 -21.33
CA GLU E 555 31.25 22.99 -20.00
C GLU E 555 30.13 23.78 -19.35
N SER E 556 30.20 25.11 -19.44
CA SER E 556 29.23 25.97 -18.78
C SER E 556 27.86 25.85 -19.43
N LEU E 557 27.82 25.74 -20.76
CA LEU E 557 26.55 25.54 -21.44
C LEU E 557 25.92 24.22 -21.03
N THR E 558 26.74 23.17 -20.93
CA THR E 558 26.22 21.89 -20.45
C THR E 558 25.70 21.99 -19.03
N ILE E 559 26.42 22.72 -18.16
CA ILE E 559 25.97 22.92 -16.79
C ILE E 559 24.63 23.64 -16.76
N ILE E 560 24.50 24.70 -17.56
CA ILE E 560 23.27 25.48 -17.58
C ILE E 560 22.12 24.61 -18.05
N VAL E 561 22.35 23.82 -19.10
CA VAL E 561 21.30 22.94 -19.61
C VAL E 561 20.93 21.89 -18.57
N GLN E 562 21.91 21.33 -17.86
CA GLN E 562 21.63 20.31 -16.85
C GLN E 562 20.81 20.88 -15.70
N SER E 563 21.18 22.08 -15.23
CA SER E 563 20.44 22.68 -14.12
C SER E 563 19.04 23.09 -14.58
N SER E 564 18.91 23.55 -15.83
CA SER E 564 17.59 23.84 -16.37
C SER E 564 16.75 22.58 -16.44
N LEU E 565 17.35 21.45 -16.83
CA LEU E 565 16.61 20.20 -16.90
C LEU E 565 16.16 19.75 -15.52
N ILE E 566 17.05 19.86 -14.52
CA ILE E 566 16.68 19.42 -13.17
C ILE E 566 15.59 20.31 -12.60
N VAL E 567 15.70 21.63 -12.82
CA VAL E 567 14.69 22.52 -12.28
C VAL E 567 13.38 22.32 -13.02
N ALA E 568 13.43 21.97 -14.31
CA ALA E 568 12.21 21.73 -15.07
C ALA E 568 11.50 20.48 -14.59
N VAL E 569 12.24 19.37 -14.43
CA VAL E 569 11.60 18.13 -13.99
C VAL E 569 11.08 18.28 -12.57
N LEU E 570 11.85 18.94 -11.70
CA LEU E 570 11.39 19.13 -10.33
C LEU E 570 10.22 20.11 -10.25
N GLY E 571 10.16 21.09 -11.15
CA GLY E 571 9.00 21.96 -11.19
C GLY E 571 7.77 21.25 -11.70
N ARG E 572 7.95 20.34 -12.66
CA ARG E 572 6.84 19.49 -13.08
C ARG E 572 6.34 18.65 -11.92
N GLU E 573 7.27 18.08 -11.15
CA GLU E 573 6.88 17.31 -9.97
C GLU E 573 6.18 18.19 -8.94
N TRP E 574 6.67 19.42 -8.78
CA TRP E 574 6.02 20.38 -7.88
C TRP E 574 4.58 20.65 -8.29
N LEU E 575 4.37 20.97 -9.56
CA LEU E 575 3.02 21.23 -10.05
C LEU E 575 2.15 19.99 -9.95
N GLN E 576 2.77 18.80 -10.01
CA GLN E 576 2.01 17.56 -9.95
C GLN E 576 1.32 17.38 -8.60
N VAL E 577 2.09 17.23 -7.52
CA VAL E 577 1.51 17.01 -6.19
C VAL E 577 2.19 17.91 -5.16
N ARG E 578 3.33 18.52 -5.54
CA ARG E 578 4.25 19.16 -4.60
C ARG E 578 4.86 18.15 -3.62
N ARG E 579 4.73 16.86 -3.90
CA ARG E 579 5.26 15.80 -3.05
C ARG E 579 6.72 15.54 -3.43
N LEU E 580 7.64 15.99 -2.60
CA LEU E 580 9.06 15.85 -2.90
C LEU E 580 9.77 15.53 -1.59
N MET E 581 10.59 14.46 -1.60
CA MET E 581 11.33 14.00 -0.42
C MET E 581 12.52 14.91 -0.11
N PRO E 582 13.02 14.93 1.14
CA PRO E 582 14.03 15.92 1.54
C PRO E 582 15.19 16.08 0.58
N VAL E 583 15.66 14.96 0.03
CA VAL E 583 16.75 15.00 -0.93
C VAL E 583 16.36 15.86 -2.13
N ASP E 584 15.13 15.94 -2.58
CA ASP E 584 14.86 16.81 -3.73
C ASP E 584 14.76 18.26 -3.33
N MET E 585 14.64 18.46 -2.02
CA MET E 585 14.59 19.76 -1.46
C MET E 585 15.90 20.41 -1.68
N ILE E 586 16.98 19.71 -1.45
CA ILE E 586 18.22 20.32 -1.62
C ILE E 586 18.68 20.23 -2.98
N LEU E 587 18.15 19.35 -3.78
CA LEU E 587 18.63 19.31 -5.12
C LEU E 587 18.15 20.51 -5.88
N ILE E 588 16.94 20.93 -5.62
CA ILE E 588 16.39 22.06 -6.22
C ILE E 588 17.19 23.25 -5.79
N SER E 589 17.52 23.37 -4.52
CA SER E 589 18.29 24.48 -4.05
C SER E 589 19.60 24.48 -4.69
N LEU E 590 20.22 23.35 -4.89
CA LEU E 590 21.53 23.38 -5.45
C LEU E 590 21.39 23.60 -6.94
N GLY E 591 20.29 23.18 -7.56
CA GLY E 591 20.08 23.47 -8.94
C GLY E 591 19.92 24.94 -9.19
N ILE E 592 19.17 25.64 -8.37
CA ILE E 592 19.04 27.03 -8.58
C ILE E 592 20.32 27.67 -8.14
N SER E 593 20.92 27.28 -7.03
CA SER E 593 22.17 27.92 -6.64
C SER E 593 23.23 27.72 -7.70
N ARG E 594 23.30 26.52 -8.28
CA ARG E 594 24.34 26.21 -9.26
C ARG E 594 24.16 27.03 -10.54
N PHE E 595 22.92 27.32 -10.81
CA PHE E 595 22.47 28.05 -11.97
C PHE E 595 22.79 29.49 -11.79
N CYS E 596 22.34 30.13 -10.75
CA CYS E 596 22.75 31.48 -10.57
C CYS E 596 24.25 31.52 -10.63
N LEU E 597 24.97 30.76 -9.82
CA LEU E 597 26.40 30.88 -9.91
C LEU E 597 26.85 30.74 -11.29
N GLN E 598 26.34 29.74 -11.96
CA GLN E 598 26.85 29.49 -13.30
C GLN E 598 26.77 30.69 -14.14
N TRP E 599 25.67 31.39 -14.03
CA TRP E 599 25.50 32.58 -14.72
C TRP E 599 26.49 33.56 -14.22
N ALA E 600 26.42 34.01 -12.94
CA ALA E 600 27.35 34.98 -12.38
C ALA E 600 28.75 34.76 -12.96
N SER E 601 29.04 33.54 -13.25
CA SER E 601 30.35 33.26 -13.74
C SER E 601 30.49 33.87 -15.07
N MET E 602 29.61 33.61 -15.98
CA MET E 602 29.66 34.16 -17.32
C MET E 602 29.60 35.66 -17.46
N LEU E 603 28.88 36.32 -16.55
CA LEU E 603 28.87 37.76 -16.52
C LEU E 603 30.26 38.23 -16.17
N ASN E 604 30.92 37.55 -15.27
CA ASN E 604 32.21 37.90 -14.90
C ASN E 604 33.32 37.65 -15.83
N ASN E 605 33.41 36.47 -16.35
CA ASN E 605 34.60 36.11 -17.13
C ASN E 605 34.77 37.00 -18.35
N PHE E 606 33.74 37.18 -19.12
CA PHE E 606 33.94 38.00 -20.27
C PHE E 606 33.97 39.46 -19.84
N CYS E 607 33.28 39.81 -18.77
CA CYS E 607 33.42 41.10 -18.25
C CYS E 607 34.87 41.32 -17.95
N SER E 608 35.64 40.26 -17.76
CA SER E 608 36.99 40.48 -17.40
C SER E 608 37.99 40.15 -18.42
N TYR E 609 37.96 38.95 -18.93
CA TYR E 609 39.01 38.62 -19.87
C TYR E 609 38.88 39.43 -21.05
N PHE E 610 37.70 39.47 -21.59
CA PHE E 610 37.52 40.26 -22.77
C PHE E 610 37.66 41.74 -22.49
N ASN E 611 37.11 42.13 -21.33
CA ASN E 611 37.11 43.47 -20.69
C ASN E 611 36.06 44.42 -21.16
N LEU E 612 35.38 44.02 -22.20
CA LEU E 612 34.31 44.77 -22.74
C LEU E 612 33.19 44.65 -21.76
N ASN E 613 32.42 45.70 -21.69
CA ASN E 613 31.34 45.85 -20.76
C ASN E 613 31.87 45.70 -19.37
N TYR E 614 32.95 46.38 -19.05
CA TYR E 614 33.47 46.28 -17.71
C TYR E 614 32.74 47.11 -16.64
N VAL E 615 31.42 46.95 -16.47
CA VAL E 615 30.63 47.69 -15.48
C VAL E 615 29.50 46.78 -14.99
N LEU E 616 28.54 46.53 -15.90
CA LEU E 616 27.41 45.67 -15.62
C LEU E 616 27.99 44.27 -15.71
N CYS E 617 29.11 44.12 -15.09
CA CYS E 617 29.74 42.80 -15.14
C CYS E 617 30.31 42.38 -13.79
N ASN E 618 30.72 43.33 -12.96
CA ASN E 618 31.43 43.01 -11.73
C ASN E 618 30.48 42.42 -10.70
N LEU E 619 29.96 41.22 -10.98
CA LEU E 619 28.98 40.59 -10.10
C LEU E 619 29.67 39.62 -9.14
N THR E 620 30.65 40.10 -8.38
CA THR E 620 31.41 39.23 -7.48
C THR E 620 30.56 38.79 -6.30
N ILE E 621 29.81 39.72 -5.71
CA ILE E 621 29.11 39.44 -4.46
C ILE E 621 28.06 38.36 -4.64
N THR E 622 27.29 38.39 -5.74
CA THR E 622 26.27 37.38 -5.92
C THR E 622 26.89 36.02 -6.18
N TRP E 623 28.04 35.98 -6.85
CA TRP E 623 28.74 34.72 -7.05
C TRP E 623 29.17 34.14 -5.71
N GLU E 624 29.74 34.97 -4.83
CA GLU E 624 30.17 34.47 -3.54
C GLU E 624 28.98 33.98 -2.72
N PHE E 625 27.87 34.72 -2.77
CA PHE E 625 26.68 34.33 -2.02
C PHE E 625 26.15 32.98 -2.50
N PHE E 626 26.03 32.81 -3.82
CA PHE E 626 25.52 31.56 -4.36
C PHE E 626 26.47 30.40 -4.07
N ASN E 627 27.78 30.65 -4.11
CA ASN E 627 28.74 29.60 -3.79
C ASN E 627 28.61 29.19 -2.34
N ILE E 628 28.44 30.15 -1.43
CA ILE E 628 28.26 29.82 -0.02
C ILE E 628 26.99 29.02 0.18
N LEU E 629 26.01 29.40 -0.59
CA LEU E 629 24.76 28.74 -0.55
C LEU E 629 25.02 27.30 -0.90
N THR E 630 25.83 27.16 -1.92
CA THR E 630 26.27 25.95 -2.42
C THR E 630 27.10 25.25 -1.49
N PHE E 631 27.95 25.89 -0.71
CA PHE E 631 28.79 25.08 0.15
C PHE E 631 27.99 24.63 1.32
N TRP E 632 26.98 25.38 1.73
CA TRP E 632 26.10 24.92 2.75
C TRP E 632 25.21 23.76 2.29
N LEU E 633 24.32 23.94 1.34
CA LEU E 633 23.34 22.98 0.87
C LEU E 633 23.93 21.60 0.72
N ASN E 634 25.15 21.49 0.19
CA ASN E 634 25.76 20.18 0.06
C ASN E 634 26.11 19.60 1.42
N SER E 635 26.54 20.45 2.36
CA SER E 635 26.77 19.96 3.72
C SER E 635 25.47 19.39 4.30
N LEU E 636 24.35 20.09 4.09
CA LEU E 636 23.07 19.59 4.56
C LEU E 636 22.67 18.30 3.87
N LEU E 637 23.07 18.23 2.62
CA LEU E 637 22.89 17.12 1.80
C LEU E 637 23.69 16.10 2.44
N THR E 638 24.93 16.36 2.66
CA THR E 638 25.71 15.37 3.30
C THR E 638 25.25 15.07 4.66
N VAL E 639 24.86 16.03 5.46
CA VAL E 639 24.32 15.71 6.75
C VAL E 639 23.05 14.95 6.66
N PHE E 640 22.27 15.07 5.63
CA PHE E 640 21.12 14.28 5.52
C PHE E 640 21.58 12.90 5.48
N TYR E 641 22.47 12.61 4.56
CA TYR E 641 22.85 11.25 4.37
C TYR E 641 23.34 10.65 5.64
N CYS E 642 24.08 11.37 6.42
CA CYS E 642 24.52 10.89 7.65
C CYS E 642 23.44 10.66 8.66
N ILE E 643 22.18 10.95 8.43
CA ILE E 643 21.19 10.77 9.48
C ILE E 643 20.18 9.69 9.09
N LYS E 644 19.85 9.61 7.79
CA LYS E 644 18.85 8.63 7.38
C LYS E 644 19.42 7.22 7.23
N VAL E 645 20.71 7.09 6.94
CA VAL E 645 21.31 5.77 6.74
C VAL E 645 22.27 5.50 7.89
N SER E 646 21.95 6.02 9.08
CA SER E 646 22.76 5.82 10.26
C SER E 646 22.25 4.63 11.04
N SER E 647 23.17 3.84 11.58
CA SER E 647 22.83 2.72 12.45
C SER E 647 23.14 2.99 13.91
N PHE E 648 23.89 4.04 14.22
CA PHE E 648 24.17 4.40 15.60
C PHE E 648 22.88 4.75 16.33
N THR E 649 22.72 4.20 17.52
CA THR E 649 21.48 4.28 18.28
C THR E 649 21.66 5.02 19.60
N HIS E 650 22.61 5.95 19.65
CA HIS E 650 22.80 6.77 20.84
C HIS E 650 21.55 7.62 21.07
N HIS E 651 21.11 7.71 22.33
CA HIS E 651 19.86 8.39 22.63
C HIS E 651 19.90 9.85 22.20
N ILE E 652 21.01 10.53 22.51
CA ILE E 652 21.18 11.90 22.01
C ILE E 652 21.23 11.89 20.49
N PHE E 653 21.87 10.89 19.89
CA PHE E 653 21.95 10.83 18.44
C PHE E 653 20.57 10.60 17.83
N LEU E 654 19.76 9.72 18.42
CA LEU E 654 18.41 9.49 17.90
C LEU E 654 17.55 10.74 18.05
N TRP E 655 17.66 11.41 19.21
CA TRP E 655 16.92 12.65 19.42
C TRP E 655 17.31 13.69 18.37
N LEU E 656 18.60 13.84 18.12
CA LEU E 656 19.06 14.79 17.11
C LEU E 656 18.62 14.37 15.72
N ARG E 657 18.61 13.06 15.46
CA ARG E 657 18.21 12.57 14.14
C ARG E 657 16.77 12.93 13.83
N TRP E 658 15.89 12.71 14.80
CA TRP E 658 14.48 13.07 14.56
C TRP E 658 14.30 14.59 14.60
N ARG E 659 15.09 15.30 15.41
CA ARG E 659 15.00 16.75 15.37
C ARG E 659 15.35 17.30 14.00
N ILE E 660 16.36 16.72 13.34
CA ILE E 660 16.70 17.14 11.99
C ILE E 660 15.62 16.73 11.00
N LEU E 661 15.17 15.47 11.07
CA LEU E 661 14.21 14.98 10.09
C LEU E 661 12.86 15.69 10.20
N ARG E 662 12.49 16.14 11.40
CA ARG E 662 11.18 16.75 11.61
C ARG E 662 11.12 18.16 11.02
N LEU E 663 12.17 18.95 11.20
CA LEU E 663 12.19 20.35 10.80
C LEU E 663 13.09 20.57 9.59
N PHE E 664 13.03 19.65 8.64
CA PHE E 664 13.92 19.72 7.48
C PHE E 664 13.74 20.98 6.64
N PRO E 665 12.52 21.38 6.22
CA PRO E 665 12.42 22.62 5.44
C PRO E 665 12.90 23.84 6.21
N TRP E 666 12.69 23.86 7.53
CA TRP E 666 13.17 24.98 8.32
C TRP E 666 14.68 25.06 8.33
N ILE E 667 15.36 23.92 8.43
CA ILE E 667 16.82 23.92 8.35
C ILE E 667 17.27 24.30 6.95
N LEU E 668 16.61 23.82 5.93
CA LEU E 668 17.06 24.14 4.60
C LEU E 668 16.90 25.57 4.38
N LEU E 669 15.92 26.18 5.02
CA LEU E 669 15.69 27.61 4.94
C LEU E 669 16.77 28.35 5.61
N GLY E 670 17.25 27.80 6.68
CA GLY E 670 18.29 28.40 7.42
C GLY E 670 19.57 28.58 6.65
N CYS E 671 19.91 27.68 5.74
CA CYS E 671 21.15 27.81 4.99
C CYS E 671 21.16 29.07 4.24
N LEU E 672 20.06 29.43 3.58
CA LEU E 672 19.99 30.67 2.83
C LEU E 672 20.20 31.83 3.79
N MET E 673 19.59 31.75 4.95
CA MET E 673 19.79 32.71 5.94
C MET E 673 21.20 32.69 6.39
N ILE E 674 21.69 31.66 7.12
CA ILE E 674 23.09 31.67 7.50
C ILE E 674 23.98 32.05 6.31
N THR E 675 23.40 32.01 5.12
CA THR E 675 24.22 32.42 3.98
C THR E 675 24.27 33.89 3.96
N CYS E 676 23.15 34.50 4.22
CA CYS E 676 23.14 35.95 4.33
C CYS E 676 23.99 36.42 5.51
N VAL E 677 23.86 35.75 6.65
CA VAL E 677 24.66 36.10 7.83
C VAL E 677 26.14 36.00 7.53
N THR E 678 26.53 35.16 6.58
CA THR E 678 27.96 35.00 6.37
C THR E 678 28.65 35.86 5.36
N ILE E 679 27.91 36.57 4.58
CA ILE E 679 28.51 37.41 3.61
C ILE E 679 28.56 38.81 4.06
N ILE E 680 28.27 39.07 5.34
CA ILE E 680 28.21 40.43 5.79
C ILE E 680 29.49 41.12 5.61
N PRO E 681 30.54 40.52 6.05
CA PRO E 681 31.85 41.09 5.98
C PRO E 681 32.22 41.29 4.56
N SER E 682 31.96 40.34 3.70
CA SER E 682 32.31 40.54 2.34
C SER E 682 31.44 41.56 1.82
N ALA E 683 30.15 41.57 2.14
CA ALA E 683 29.41 42.69 1.60
C ALA E 683 29.99 44.02 2.10
N ILE E 684 30.17 44.14 3.42
CA ILE E 684 30.72 45.37 3.94
C ILE E 684 32.16 45.55 3.46
N GLY E 685 32.90 44.45 3.33
CA GLY E 685 34.27 44.55 2.84
C GLY E 685 34.35 45.08 1.42
N ASN E 686 33.51 44.54 0.52
CA ASN E 686 33.59 44.95 -0.87
C ASN E 686 33.10 46.38 -1.03
N TYR E 687 32.09 46.78 -0.25
CA TYR E 687 31.68 48.18 -0.25
C TYR E 687 32.84 49.08 0.21
N ILE E 688 33.56 48.65 1.25
CA ILE E 688 34.68 49.44 1.76
C ILE E 688 35.76 49.59 0.69
N GLN E 689 36.08 48.49 -0.01
CA GLN E 689 37.11 48.57 -1.04
C GLN E 689 36.66 49.43 -2.22
N ILE E 690 35.37 49.38 -2.59
CA ILE E 690 34.88 50.27 -3.64
C ILE E 690 35.01 51.72 -3.22
N GLN E 691 34.68 52.02 -1.95
CA GLN E 691 34.83 53.39 -1.46
C GLN E 691 36.30 53.81 -1.48
N LEU E 692 37.20 52.90 -1.12
CA LEU E 692 38.63 53.22 -1.15
C LEU E 692 39.11 53.50 -2.57
N LEU E 693 38.62 52.73 -3.54
CA LEU E 693 39.00 52.96 -4.92
C LEU E 693 38.53 54.33 -5.42
N THR E 694 37.32 54.72 -5.05
CA THR E 694 36.79 56.01 -5.45
C THR E 694 37.20 57.11 -4.47
N GLU E 709 48.64 44.55 4.19
CA GLU E 709 47.66 45.00 3.20
C GLU E 709 46.56 45.79 3.87
N ASN E 710 46.88 46.42 5.00
CA ASN E 710 45.94 47.26 5.72
C ASN E 710 44.68 46.52 6.05
N PHE E 711 43.55 47.16 5.78
CA PHE E 711 42.22 46.58 6.03
C PHE E 711 41.84 45.46 5.11
N HIS E 712 42.46 45.34 3.97
CA HIS E 712 42.00 44.32 3.05
C HIS E 712 42.29 42.93 3.60
N GLN E 713 43.43 42.75 4.26
CA GLN E 713 43.84 41.46 4.85
C GLN E 713 42.67 40.67 5.44
N TYR E 714 41.78 41.45 6.01
CA TYR E 714 40.53 41.04 6.63
C TYR E 714 39.58 40.43 5.62
N GLN E 715 39.50 41.00 4.42
CA GLN E 715 38.69 40.39 3.36
C GLN E 715 39.22 39.01 2.99
N PHE E 716 40.55 39.05 2.91
CA PHE E 716 41.44 38.02 2.43
C PHE E 716 41.50 36.81 3.24
N GLN E 717 41.07 36.97 4.47
CA GLN E 717 40.96 35.87 5.37
C GLN E 717 39.45 35.71 5.66
N ALA E 718 38.70 36.80 5.56
CA ALA E 718 37.31 36.81 5.81
C ALA E 718 36.55 36.01 4.85
N HIS E 719 36.97 35.96 3.59
CA HIS E 719 36.28 35.19 2.57
C HIS E 719 36.29 33.73 2.85
N THR E 720 37.36 33.24 3.41
CA THR E 720 37.44 31.88 3.81
C THR E 720 36.53 31.49 4.92
N VAL E 721 36.54 32.30 5.96
CA VAL E 721 35.77 31.97 7.13
C VAL E 721 34.39 31.72 6.63
N ALA E 722 34.07 32.37 5.53
CA ALA E 722 32.70 32.23 5.06
C ALA E 722 32.37 30.78 4.73
N LEU E 723 33.26 30.09 4.01
CA LEU E 723 32.95 28.75 3.52
C LEU E 723 33.69 27.64 4.24
N VAL E 724 34.55 27.94 5.22
CA VAL E 724 35.22 26.86 5.94
C VAL E 724 34.20 26.04 6.75
N ILE E 725 33.32 26.73 7.49
CA ILE E 725 32.38 26.01 8.36
C ILE E 725 31.43 25.10 7.61
N PRO E 726 30.79 25.50 6.50
CA PRO E 726 30.00 24.52 5.76
C PRO E 726 30.83 23.33 5.30
N PHE E 727 32.07 23.58 4.89
CA PHE E 727 32.92 22.48 4.45
C PHE E 727 33.35 21.62 5.63
N ILE E 728 33.54 22.22 6.80
CA ILE E 728 33.85 21.41 7.98
C ILE E 728 32.70 20.47 8.29
N LEU E 729 31.47 20.99 8.26
CA LEU E 729 30.31 20.12 8.50
C LEU E 729 30.20 19.04 7.43
N PHE E 730 30.40 19.42 6.17
CA PHE E 730 30.33 18.46 5.07
C PHE E 730 31.36 17.36 5.24
N LEU E 731 32.60 17.73 5.54
CA LEU E 731 33.66 16.75 5.70
C LEU E 731 33.38 15.83 6.88
N ALA E 732 32.94 16.40 8.00
CA ALA E 732 32.65 15.59 9.17
C ALA E 732 31.55 14.58 8.89
N SER E 733 30.43 15.05 8.32
CA SER E 733 29.31 14.15 8.04
C SER E 733 29.68 13.11 7.00
N THR E 734 30.45 13.51 5.99
CA THR E 734 30.85 12.56 4.95
C THR E 734 31.72 11.47 5.53
N ILE E 735 32.74 11.84 6.32
CA ILE E 735 33.61 10.84 6.92
C ILE E 735 32.82 9.93 7.86
N PHE E 736 31.87 10.52 8.59
CA PHE E 736 30.99 9.73 9.46
C PHE E 736 30.24 8.68 8.65
N LEU E 737 29.68 9.07 7.51
CA LEU E 737 28.87 8.14 6.73
C LEU E 737 29.74 7.09 6.03
N MET E 738 30.91 7.48 5.54
CA MET E 738 31.83 6.48 4.98
C MET E 738 32.22 5.46 6.03
N ALA E 739 32.52 5.94 7.25
CA ALA E 739 32.88 5.03 8.32
C ALA E 739 31.73 4.07 8.62
N SER E 740 30.62 4.73 8.86
CA SER E 740 29.46 3.99 9.23
C SER E 740 29.14 3.14 8.11
N LEU E 741 29.29 3.62 6.91
CA LEU E 741 29.02 2.78 5.80
C LEU E 741 30.06 1.75 5.81
N THR E 742 31.32 2.12 5.97
CA THR E 742 32.31 1.09 5.89
C THR E 742 32.30 0.02 7.00
N LYS E 743 32.01 0.40 8.23
CA LYS E 743 31.94 -0.50 9.34
C LYS E 743 30.85 -1.48 9.07
N GLN E 744 29.71 -1.00 8.59
CA GLN E 744 28.61 -1.80 8.21
C GLN E 744 29.02 -2.77 7.10
N ILE E 745 29.89 -2.39 6.18
CA ILE E 745 30.22 -3.26 5.08
C ILE E 745 30.75 -4.55 5.53
N GLN E 746 31.83 -4.51 6.26
CA GLN E 746 32.49 -5.68 6.74
C GLN E 746 31.65 -6.40 7.70
N HIS E 747 31.00 -5.68 8.57
CA HIS E 747 30.21 -6.25 9.65
C HIS E 747 29.02 -7.08 9.35
N HIS E 748 28.53 -6.99 8.12
CA HIS E 748 27.44 -7.78 7.57
C HIS E 748 27.91 -8.66 6.38
N SER E 749 29.20 -8.68 6.09
CA SER E 749 29.72 -9.53 5.02
C SER E 749 29.43 -11.00 5.29
N THR E 750 29.51 -11.42 6.55
CA THR E 750 29.23 -12.80 6.92
C THR E 750 27.78 -13.18 6.67
N GLY E 751 26.87 -12.21 6.61
CA GLY E 751 25.46 -12.49 6.41
C GLY E 751 25.10 -12.95 5.01
N HIS E 752 26.04 -12.92 4.07
CA HIS E 752 25.84 -13.35 2.70
C HIS E 752 24.75 -12.56 1.99
N CYS E 753 24.43 -11.36 2.49
CA CYS E 753 23.42 -10.51 1.87
C CYS E 753 24.05 -9.76 0.68
N ASN E 754 24.05 -10.45 -0.46
CA ASN E 754 24.59 -9.85 -1.68
C ASN E 754 23.84 -8.60 -2.13
N PRO E 755 22.50 -8.52 -2.11
CA PRO E 755 21.86 -7.24 -2.41
C PRO E 755 22.28 -6.12 -1.47
N SER E 756 22.47 -6.45 -0.19
CA SER E 756 22.96 -5.44 0.76
C SER E 756 24.37 -4.99 0.40
N MET E 757 25.22 -5.95 0.01
CA MET E 757 26.57 -5.60 -0.41
C MET E 757 26.54 -4.67 -1.61
N LYS E 758 25.70 -4.99 -2.59
CA LYS E 758 25.63 -4.16 -3.80
C LYS E 758 25.10 -2.77 -3.48
N ALA E 759 24.03 -2.69 -2.69
CA ALA E 759 23.46 -1.39 -2.35
C ALA E 759 24.44 -0.54 -1.55
N ARG E 760 25.12 -1.15 -0.58
CA ARG E 760 26.05 -0.40 0.24
C ARG E 760 27.29 0.01 -0.53
N PHE E 761 27.75 -0.84 -1.46
CA PHE E 761 28.86 -0.45 -2.32
C PHE E 761 28.46 0.70 -3.23
N THR E 762 27.30 0.72 -3.88
CA THR E 762 26.98 1.87 -4.74
C THR E 762 27.00 3.20 -4.07
N ALA E 763 26.35 3.39 -2.95
CA ALA E 763 26.43 4.62 -2.27
C ALA E 763 27.78 5.00 -1.71
N LEU E 764 28.55 4.10 -1.15
CA LEU E 764 29.84 4.43 -0.59
C LEU E 764 30.79 4.90 -1.60
N ARG E 765 30.76 4.32 -2.76
CA ARG E 765 31.60 4.75 -3.83
C ARG E 765 31.13 6.08 -4.29
N SER E 766 29.83 6.34 -4.31
CA SER E 766 29.30 7.58 -4.79
C SER E 766 29.49 8.69 -3.84
N LEU E 767 29.62 8.39 -2.60
CA LEU E 767 29.91 9.46 -1.73
C LEU E 767 31.31 9.80 -2.07
N ALA E 768 32.19 8.80 -2.22
CA ALA E 768 33.57 9.02 -2.56
C ALA E 768 33.61 9.78 -3.80
N VAL E 769 32.61 9.67 -4.67
CA VAL E 769 32.69 10.64 -5.76
C VAL E 769 32.24 12.02 -5.31
N LEU E 770 31.15 12.10 -4.53
CA LEU E 770 30.69 13.40 -4.05
C LEU E 770 31.71 14.06 -3.16
N PHE E 771 32.29 13.30 -2.22
CA PHE E 771 33.30 13.87 -1.34
C PHE E 771 34.48 14.39 -2.15
N ILE E 772 34.94 13.59 -3.13
CA ILE E 772 36.09 14.01 -3.92
C ILE E 772 35.78 15.30 -4.68
N VAL E 773 34.85 15.25 -5.59
CA VAL E 773 34.61 16.38 -6.45
C VAL E 773 34.39 17.66 -5.77
N PHE E 774 33.63 17.73 -4.70
CA PHE E 774 33.47 19.03 -4.07
C PHE E 774 34.70 19.41 -3.42
N THR E 775 35.38 18.47 -2.79
CA THR E 775 36.49 18.92 -2.07
C THR E 775 37.48 19.55 -3.00
N SER E 776 37.75 18.93 -4.13
CA SER E 776 38.73 19.52 -4.99
C SER E 776 38.35 20.92 -5.26
N TYR E 777 37.05 21.20 -5.46
CA TYR E 777 36.51 22.54 -5.75
C TYR E 777 36.58 23.45 -4.62
N PHE E 778 36.85 22.96 -3.46
CA PHE E 778 36.84 23.96 -2.42
C PHE E 778 38.17 24.42 -2.45
N LEU E 779 39.05 23.50 -2.70
CA LEU E 779 40.45 23.85 -2.83
C LEU E 779 40.59 24.69 -4.03
N THR E 780 39.80 24.46 -5.05
CA THR E 780 39.86 25.45 -6.12
C THR E 780 39.47 26.83 -5.60
N ILE E 781 38.37 26.91 -4.84
CA ILE E 781 37.94 28.21 -4.33
C ILE E 781 38.96 28.76 -3.32
N LEU E 782 39.58 27.90 -2.51
CA LEU E 782 40.61 28.37 -1.59
C LEU E 782 41.83 28.92 -2.31
N ILE E 783 42.28 28.25 -3.38
CA ILE E 783 43.40 28.82 -4.12
C ILE E 783 42.99 30.12 -4.80
N THR E 784 41.74 30.22 -5.26
CA THR E 784 41.28 31.46 -5.87
C THR E 784 41.27 32.59 -4.85
N ILE E 785 40.86 32.30 -3.62
CA ILE E 785 40.92 33.30 -2.56
C ILE E 785 42.36 33.68 -2.26
N ILE E 786 43.19 32.69 -1.96
CA ILE E 786 44.57 32.91 -1.57
C ILE E 786 45.22 33.73 -2.61
N GLY E 787 44.91 33.42 -3.84
CA GLY E 787 45.38 34.18 -4.97
C GLY E 787 46.83 34.48 -5.24
N THR E 788 47.73 33.54 -5.14
CA THR E 788 49.11 33.89 -5.44
C THR E 788 49.65 33.08 -6.53
N LEU E 789 49.55 31.78 -6.36
CA LEU E 789 50.13 30.90 -7.30
C LEU E 789 49.45 31.04 -8.57
N PHE E 790 48.62 32.03 -8.71
CA PHE E 790 47.96 32.04 -9.97
C PHE E 790 47.89 33.34 -10.68
N ASP E 791 47.42 33.24 -11.90
CA ASP E 791 47.18 34.45 -12.69
C ASP E 791 45.93 34.26 -13.51
N LYS E 792 44.78 34.30 -12.90
CA LYS E 792 43.64 34.19 -13.74
C LYS E 792 43.85 35.00 -15.02
N ARG E 793 43.93 36.29 -14.95
CA ARG E 793 43.98 37.13 -16.13
C ARG E 793 44.80 36.41 -17.19
N CYS E 794 45.90 35.77 -16.81
CA CYS E 794 46.70 35.04 -17.78
C CYS E 794 45.95 33.73 -17.92
N TRP E 795 46.02 32.89 -16.92
CA TRP E 795 45.24 31.65 -16.81
C TRP E 795 43.78 31.89 -17.16
N LEU E 796 43.10 32.46 -16.15
CA LEU E 796 41.69 32.83 -16.27
C LEU E 796 40.97 31.67 -16.68
N TRP E 797 40.82 31.63 -17.97
CA TRP E 797 40.13 30.52 -18.53
C TRP E 797 40.80 29.21 -18.15
N VAL E 798 42.10 29.22 -17.89
CA VAL E 798 42.76 28.05 -17.45
C VAL E 798 42.10 27.67 -16.19
N TRP E 799 41.74 28.57 -15.29
CA TRP E 799 41.16 28.05 -14.08
C TRP E 799 39.81 27.74 -14.47
N GLU E 800 39.18 28.66 -15.14
CA GLU E 800 37.81 28.48 -15.50
C GLU E 800 37.49 27.16 -15.98
N ALA E 801 38.39 26.60 -16.74
CA ALA E 801 38.14 25.29 -17.16
C ALA E 801 38.27 24.39 -16.00
N PHE E 802 39.33 24.51 -15.27
CA PHE E 802 39.52 23.56 -14.25
C PHE E 802 38.50 23.54 -13.15
N VAL E 803 38.01 24.71 -12.79
CA VAL E 803 37.06 24.82 -11.71
C VAL E 803 35.64 24.43 -11.96
N TYR E 804 35.15 24.67 -13.13
CA TYR E 804 33.80 24.34 -13.56
C TYR E 804 33.69 22.97 -14.19
N ALA E 805 34.83 22.56 -14.73
CA ALA E 805 34.97 21.21 -15.20
C ALA E 805 34.75 20.35 -13.93
N PHE E 806 35.15 20.85 -12.79
CA PHE E 806 34.87 20.07 -11.62
C PHE E 806 33.44 20.20 -11.40
N ILE E 807 32.97 21.40 -11.45
CA ILE E 807 31.61 21.59 -11.07
C ILE E 807 30.74 20.78 -11.99
N LEU E 808 31.24 20.39 -13.15
CA LEU E 808 30.55 19.53 -14.05
C LEU E 808 30.42 18.21 -13.41
N MET E 809 31.44 17.73 -12.74
CA MET E 809 31.35 16.44 -12.13
C MET E 809 30.30 16.37 -11.11
N HIS E 810 30.42 17.26 -10.14
CA HIS E 810 29.46 17.36 -9.03
C HIS E 810 28.02 17.35 -9.54
N SER E 811 27.73 18.21 -10.52
CA SER E 811 26.36 18.38 -10.97
C SER E 811 25.82 17.10 -11.59
N THR E 812 26.62 16.48 -12.47
CA THR E 812 26.20 15.25 -13.11
C THR E 812 25.98 14.14 -12.09
N SER E 813 26.86 14.16 -11.10
CA SER E 813 26.85 13.19 -10.06
C SER E 813 25.56 13.33 -9.40
N LEU E 814 25.22 14.55 -9.09
CA LEU E 814 23.99 14.88 -8.47
C LEU E 814 22.90 14.68 -9.39
N MET E 815 23.12 15.01 -10.65
CA MET E 815 22.07 14.98 -11.61
C MET E 815 21.53 13.66 -11.72
N LEU E 816 22.36 12.68 -11.88
CA LEU E 816 21.87 11.36 -11.95
C LEU E 816 21.32 10.95 -10.62
N SER E 817 21.95 11.37 -9.53
CA SER E 817 21.57 11.01 -8.17
C SER E 817 20.17 11.34 -7.77
N SER E 818 19.60 12.36 -8.30
CA SER E 818 18.24 12.63 -7.97
C SER E 818 17.37 11.46 -8.31
N PRO E 819 16.66 10.94 -7.34
CA PRO E 819 15.74 9.78 -7.38
C PRO E 819 14.51 10.01 -8.24
N THR E 820 13.85 11.16 -8.05
CA THR E 820 12.58 11.39 -8.74
C THR E 820 12.79 11.63 -10.23
N LEU E 821 13.99 12.02 -10.63
CA LEU E 821 14.28 12.15 -12.06
C LEU E 821 14.25 10.78 -12.73
N LYS E 822 14.68 9.74 -12.02
CA LYS E 822 14.58 8.39 -12.55
C LYS E 822 13.12 8.00 -12.75
N ARG E 823 12.24 8.45 -11.87
CA ARG E 823 10.81 8.18 -11.98
C ARG E 823 10.18 8.93 -13.14
#